data_3OP0
#
_entry.id   3OP0
#
_cell.length_a   90.250
_cell.length_b   90.250
_cell.length_c   191.581
_cell.angle_alpha   90.00
_cell.angle_beta   90.00
_cell.angle_gamma   120.00
#
_symmetry.space_group_name_H-M   'P 65'
#
loop_
_entity.id
_entity.type
_entity.pdbx_description
1 polymer 'Signal transduction protein CBL-C'
2 polymer 'Epidermal growth factor receptor'
3 non-polymer 'SODIUM ION'
4 non-polymer 'NICKEL (II) ION'
5 water water
#
loop_
_entity_poly.entity_id
_entity_poly.type
_entity_poly.pdbx_seq_one_letter_code
_entity_poly.pdbx_strand_id
1 'polypeptide(L)'
;MGRQWEEARALGRAVRMLQRLEEQCVDPRLSVSPPSLRDLLPRTAQLLREVAHSRREAGGGGPGGPGGSGDFLLIYLANL
EAKSRQVAALLPPRGRRSANDELFRAGSRLRRQLAKLAIIFSHMHAELHALFPGGKYCGHMYQLTKAPAHTFWRESCGAR
CVLPWAEFESLLGT(CSO)HPVEPG(CSD)TALALRTTIDLT(CSO)SGHVSIFEFDVFTRLFQPWPTLLKNWQLLAVNH
PGYMAFLTYDEVQERLQACRDKPGSYIFRPSCTRLGQWAIGYVSSDGSILQTIPANKPLSQVLLEGQKDGFYLYPDGKTH
NPDLTELGAENLYFQ
;
A,B
2 'polypeptide(L)' LQR(PTR)SSDPTGA C,D
#
# COMPACT_ATOMS: atom_id res chain seq x y z
N ARG A 3 0.37 -29.79 26.04
CA ARG A 3 0.29 -29.11 24.71
C ARG A 3 1.15 -29.83 23.65
N GLN A 4 0.48 -30.53 22.73
CA GLN A 4 1.17 -31.31 21.68
C GLN A 4 0.48 -31.20 20.31
N TRP A 5 -0.81 -30.82 20.26
CA TRP A 5 -1.65 -31.00 19.05
C TRP A 5 -2.19 -29.73 18.40
N GLU A 6 -2.03 -28.57 19.01
CA GLU A 6 -2.56 -27.37 18.36
C GLU A 6 -1.84 -27.12 17.04
N GLU A 7 -0.52 -27.13 17.07
CA GLU A 7 0.26 -26.79 15.92
C GLU A 7 -0.06 -27.73 14.78
N ALA A 8 -0.17 -29.01 15.10
CA ALA A 8 -0.55 -30.04 14.13
C ALA A 8 -1.87 -29.72 13.44
N ARG A 9 -2.84 -29.24 14.23
CA ARG A 9 -4.14 -28.87 13.69
C ARG A 9 -3.97 -27.68 12.77
N ALA A 10 -3.22 -26.68 13.23
CA ALA A 10 -2.90 -25.53 12.39
C ALA A 10 -2.29 -25.94 11.05
N LEU A 11 -1.22 -26.72 11.10
CA LEU A 11 -0.56 -27.15 9.88
C LEU A 11 -1.54 -27.90 8.96
N GLY A 12 -2.42 -28.70 9.55
CA GLY A 12 -3.36 -29.48 8.77
C GLY A 12 -4.39 -28.60 8.09
N ARG A 13 -4.83 -27.59 8.81
CA ARG A 13 -5.84 -26.65 8.33
CA ARG A 13 -5.85 -26.66 8.35
C ARG A 13 -5.30 -25.93 7.10
N ALA A 14 -4.08 -25.44 7.22
CA ALA A 14 -3.36 -24.78 6.13
C ALA A 14 -3.26 -25.67 4.91
N VAL A 15 -2.80 -26.90 5.14
CA VAL A 15 -2.53 -27.81 4.02
C VAL A 15 -3.80 -28.06 3.25
N ARG A 16 -4.90 -28.33 3.95
CA ARG A 16 -6.19 -28.55 3.32
C ARG A 16 -6.63 -27.32 2.52
N MET A 17 -6.36 -26.14 3.06
CA MET A 17 -6.75 -24.90 2.43
C MET A 17 -5.98 -24.64 1.13
N LEU A 18 -4.67 -24.87 1.16
CA LEU A 18 -3.86 -24.86 -0.05
C LEU A 18 -4.42 -25.80 -1.11
N GLN A 19 -4.77 -27.01 -0.72
CA GLN A 19 -5.36 -27.97 -1.64
C GLN A 19 -6.66 -27.48 -2.23
N ARG A 20 -7.43 -26.73 -1.45
CA ARG A 20 -8.71 -26.26 -1.88
C ARG A 20 -8.55 -25.04 -2.79
N LEU A 21 -7.51 -24.25 -2.52
CA LEU A 21 -7.24 -23.07 -3.30
C LEU A 21 -6.65 -23.46 -4.65
N GLU A 22 -5.86 -24.53 -4.67
CA GLU A 22 -5.31 -25.07 -5.91
C GLU A 22 -6.43 -25.39 -6.90
N GLU A 23 -7.58 -25.81 -6.41
CA GLU A 23 -8.73 -26.11 -7.26
C GLU A 23 -9.29 -24.85 -7.93
N GLN A 24 -9.40 -23.77 -7.17
CA GLN A 24 -9.87 -22.49 -7.69
C GLN A 24 -8.96 -21.89 -8.76
N CYS A 25 -7.68 -22.25 -8.77
CA CYS A 25 -6.76 -21.77 -9.82
C CYS A 25 -6.85 -22.63 -11.08
N VAL A 26 -8.08 -22.96 -11.48
CA VAL A 26 -8.40 -23.85 -12.59
C VAL A 26 -8.25 -23.19 -13.98
N ASP A 27 -8.18 -21.86 -14.01
CA ASP A 27 -8.12 -21.12 -15.28
C ASP A 27 -6.77 -21.24 -16.01
N PRO A 28 -6.83 -21.63 -17.30
CA PRO A 28 -5.61 -21.86 -18.09
C PRO A 28 -4.63 -20.69 -18.10
N ARG A 29 -5.14 -19.47 -18.24
CA ARG A 29 -4.31 -18.25 -18.30
C ARG A 29 -3.42 -18.09 -17.09
N LEU A 30 -3.62 -18.93 -16.08
CA LEU A 30 -2.69 -19.01 -14.96
C LEU A 30 -1.67 -20.13 -15.15
N SER A 31 -0.37 -19.83 -15.00
CA SER A 31 0.16 -18.45 -14.94
C SER A 31 1.06 -18.13 -16.12
N VAL A 32 1.97 -19.02 -16.49
CA VAL A 32 2.46 -20.12 -15.66
C VAL A 32 3.91 -19.83 -15.34
N SER A 33 4.35 -18.60 -15.63
CA SER A 33 5.72 -18.18 -15.41
C SER A 33 5.89 -17.77 -13.95
N PRO A 34 7.05 -18.09 -13.35
CA PRO A 34 7.28 -17.76 -11.94
C PRO A 34 7.16 -16.27 -11.63
N PRO A 35 6.38 -15.90 -10.58
CA PRO A 35 5.63 -16.76 -9.69
C PRO A 35 4.28 -17.18 -10.24
N SER A 36 4.00 -18.46 -10.07
CA SER A 36 2.77 -19.10 -10.53
C SER A 36 2.15 -19.79 -9.34
N LEU A 37 0.92 -19.40 -8.97
CA LEU A 37 0.24 -19.94 -7.79
C LEU A 37 -0.02 -21.41 -7.95
N ARG A 38 0.16 -21.88 -9.15
CA ARG A 38 -0.28 -23.18 -9.48
C ARG A 38 0.85 -24.17 -9.23
N ASP A 39 2.08 -23.74 -9.44
CA ASP A 39 3.24 -24.44 -8.95
C ASP A 39 3.37 -24.24 -7.44
N LEU A 40 3.17 -23.02 -6.97
CA LEU A 40 3.45 -22.71 -5.57
C LEU A 40 2.57 -23.41 -4.58
N LEU A 41 1.28 -23.48 -4.84
CA LEU A 41 0.35 -24.00 -3.85
C LEU A 41 0.68 -25.45 -3.43
N PRO A 42 0.79 -26.39 -4.38
CA PRO A 42 1.13 -27.73 -3.95
C PRO A 42 2.58 -27.84 -3.48
N ARG A 43 3.47 -27.01 -4.00
CA ARG A 43 4.83 -26.97 -3.48
C ARG A 43 4.84 -26.63 -2.00
N THR A 44 4.03 -25.66 -1.62
CA THR A 44 3.98 -25.18 -0.25
C THR A 44 3.22 -26.18 0.60
N ALA A 45 2.21 -26.82 0.00
CA ALA A 45 1.44 -27.80 0.75
C ALA A 45 2.34 -28.94 1.20
N GLN A 46 3.17 -29.44 0.29
CA GLN A 46 3.98 -30.61 0.60
C GLN A 46 4.99 -30.24 1.64
N LEU A 47 5.62 -29.08 1.50
CA LEU A 47 6.57 -28.62 2.50
C LEU A 47 5.94 -28.50 3.88
N LEU A 48 4.66 -28.13 3.94
CA LEU A 48 3.95 -28.02 5.21
C LEU A 48 3.76 -29.41 5.82
N ARG A 49 3.35 -30.38 4.99
CA ARG A 49 3.30 -31.78 5.40
C ARG A 49 4.61 -32.24 6.00
N GLU A 50 5.74 -31.84 5.38
CA GLU A 50 7.03 -32.25 5.89
C GLU A 50 7.25 -31.64 7.27
N VAL A 51 6.90 -30.37 7.40
CA VAL A 51 7.03 -29.69 8.67
C VAL A 51 6.18 -30.38 9.70
N ALA A 52 4.92 -30.67 9.33
CA ALA A 52 4.00 -31.41 10.22
C ALA A 52 4.65 -32.70 10.68
N HIS A 53 5.12 -33.46 9.70
CA HIS A 53 5.75 -34.76 9.94
C HIS A 53 7.07 -34.65 10.70
N SER A 54 7.91 -33.71 10.32
CA SER A 54 9.18 -33.55 11.03
C SER A 54 8.96 -33.25 12.51
N ARG A 55 7.79 -32.72 12.85
CA ARG A 55 7.53 -32.30 14.21
C ARG A 55 6.58 -33.20 15.00
N ARG A 56 6.02 -34.26 14.40
CA ARG A 56 5.35 -35.28 15.20
C ARG A 56 6.42 -35.79 16.13
N GLU A 57 7.55 -36.14 15.53
CA GLU A 57 8.62 -36.88 16.20
C GLU A 57 9.73 -36.02 16.77
N ALA A 58 9.37 -34.79 17.15
CA ALA A 58 10.37 -33.78 17.45
C ALA A 58 10.68 -33.64 18.95
N GLY A 59 11.97 -33.75 19.27
CA GLY A 59 12.57 -32.95 20.34
C GLY A 59 12.85 -31.52 19.84
N GLY A 60 12.62 -31.24 18.55
CA GLY A 60 12.94 -29.93 17.93
C GLY A 60 11.86 -29.25 17.08
N GLY A 61 12.22 -28.09 16.49
CA GLY A 61 13.61 -27.55 16.54
C GLY A 61 13.84 -26.35 17.46
N GLY A 62 15.09 -26.19 17.91
CA GLY A 62 15.50 -25.02 18.72
C GLY A 62 14.74 -24.73 20.02
N PRO A 63 15.10 -23.63 20.73
CA PRO A 63 14.32 -23.16 21.88
C PRO A 63 12.95 -22.61 21.45
N GLY A 64 12.06 -22.40 22.42
CA GLY A 64 10.64 -22.17 22.12
C GLY A 64 9.95 -20.96 22.72
N GLY A 65 10.72 -19.93 23.06
CA GLY A 65 10.16 -18.65 23.46
C GLY A 65 9.58 -17.95 22.25
N PRO A 66 9.27 -16.65 22.39
CA PRO A 66 8.84 -15.94 21.21
C PRO A 66 10.01 -15.86 20.24
N GLY A 67 9.73 -15.97 18.95
CA GLY A 67 10.77 -15.90 17.95
C GLY A 67 11.34 -17.25 17.57
N GLY A 68 10.95 -18.29 18.31
CA GLY A 68 11.34 -19.65 17.96
C GLY A 68 10.43 -20.20 16.89
N SER A 69 10.59 -21.49 16.61
CA SER A 69 9.84 -22.18 15.56
C SER A 69 8.33 -22.21 15.76
N GLY A 70 7.88 -22.37 17.00
CA GLY A 70 6.45 -22.49 17.26
C GLY A 70 5.73 -21.18 17.06
N ASP A 71 6.36 -20.13 17.60
CA ASP A 71 5.95 -18.76 17.39
C ASP A 71 5.96 -18.40 15.91
N PHE A 72 7.04 -18.76 15.21
CA PHE A 72 7.13 -18.48 13.77
C PHE A 72 5.97 -19.06 13.02
N LEU A 73 5.62 -20.31 13.33
CA LEU A 73 4.57 -21.01 12.57
C LEU A 73 3.20 -20.44 12.89
N LEU A 74 2.90 -20.21 14.16
CA LEU A 74 1.68 -19.49 14.58
C LEU A 74 1.40 -18.26 13.70
N ILE A 75 2.42 -17.44 13.50
CA ILE A 75 2.28 -16.23 12.71
C ILE A 75 2.26 -16.58 11.22
N TYR A 76 3.17 -17.43 10.81
CA TYR A 76 3.25 -17.80 9.42
C TYR A 76 1.95 -18.38 8.86
N LEU A 77 1.38 -19.32 9.60
CA LEU A 77 0.12 -19.96 9.20
C LEU A 77 -1.05 -18.99 9.19
N ALA A 78 -1.17 -18.18 10.24
CA ALA A 78 -2.18 -17.13 10.29
C ALA A 78 -2.14 -16.28 9.01
N ASN A 79 -0.94 -15.95 8.53
CA ASN A 79 -0.76 -15.07 7.42
C ASN A 79 -1.11 -15.75 6.12
N LEU A 80 -0.62 -16.97 5.98
CA LEU A 80 -0.91 -17.79 4.81
C LEU A 80 -2.41 -17.91 4.63
N GLU A 81 -3.13 -18.12 5.72
CA GLU A 81 -4.59 -18.20 5.66
C GLU A 81 -5.14 -16.86 5.20
N ALA A 82 -4.65 -15.78 5.77
CA ALA A 82 -5.14 -14.46 5.39
C ALA A 82 -4.93 -14.28 3.90
N LYS A 83 -3.74 -14.60 3.41
CA LYS A 83 -3.40 -14.34 2.03
C LYS A 83 -4.22 -15.23 1.08
N SER A 84 -4.52 -16.42 1.56
CA SER A 84 -5.24 -17.38 0.78
C SER A 84 -6.65 -16.90 0.53
N ARG A 85 -7.26 -16.29 1.55
CA ARG A 85 -8.58 -15.72 1.43
C ARG A 85 -8.64 -14.62 0.41
N GLN A 86 -7.56 -13.84 0.32
CA GLN A 86 -7.55 -12.71 -0.61
C GLN A 86 -7.54 -13.22 -2.04
N VAL A 87 -6.78 -14.29 -2.27
CA VAL A 87 -6.77 -14.97 -3.57
C VAL A 87 -8.09 -15.64 -3.84
N ALA A 88 -8.68 -16.25 -2.81
CA ALA A 88 -10.00 -16.86 -2.95
C ALA A 88 -10.98 -15.83 -3.48
N ALA A 89 -10.97 -14.66 -2.85
CA ALA A 89 -11.91 -13.60 -3.18
C ALA A 89 -11.66 -13.06 -4.58
N LEU A 90 -10.40 -13.04 -5.00
CA LEU A 90 -10.05 -12.49 -6.31
C LEU A 90 -10.57 -13.31 -7.47
N LEU A 91 -10.34 -14.62 -7.42
CA LEU A 91 -10.60 -15.48 -8.56
C LEU A 91 -11.49 -16.65 -8.19
N PRO A 92 -12.75 -16.38 -7.79
CA PRO A 92 -13.65 -17.49 -7.53
C PRO A 92 -14.00 -18.24 -8.82
N PRO A 93 -14.85 -19.27 -8.72
CA PRO A 93 -15.31 -19.98 -7.52
C PRO A 93 -14.80 -21.43 -7.33
N ARG A 94 -14.89 -22.26 -8.37
CA ARG A 94 -14.56 -23.71 -8.27
C ARG A 94 -13.50 -24.37 -9.21
N GLY A 95 -13.22 -23.88 -10.42
CA GLY A 95 -13.82 -22.68 -11.03
C GLY A 95 -15.23 -22.90 -11.57
N ARG A 96 -15.73 -21.88 -12.28
CA ARG A 96 -17.08 -21.88 -12.82
C ARG A 96 -17.05 -21.93 -14.34
N ARG A 97 -16.52 -20.88 -14.96
CA ARG A 97 -16.44 -20.79 -16.42
C ARG A 97 -15.02 -20.37 -16.83
N SER A 98 -14.89 -19.25 -17.54
CA SER A 98 -13.59 -18.63 -17.78
C SER A 98 -13.69 -17.17 -17.36
N ALA A 99 -13.14 -16.85 -16.18
CA ALA A 99 -13.27 -15.50 -15.62
C ALA A 99 -12.22 -15.26 -14.52
N ASN A 100 -11.83 -14.00 -14.26
CA ASN A 100 -12.35 -12.75 -14.89
C ASN A 100 -11.42 -12.21 -15.99
N ASP A 101 -11.97 -11.86 -17.16
CA ASP A 101 -11.16 -11.43 -18.34
C ASP A 101 -10.12 -10.34 -18.02
N GLU A 102 -10.45 -9.43 -17.10
CA GLU A 102 -9.55 -8.35 -16.71
C GLU A 102 -8.36 -8.87 -15.91
N LEU A 103 -8.54 -10.00 -15.23
CA LEU A 103 -7.48 -10.56 -14.39
C LEU A 103 -6.18 -10.85 -15.17
N PHE A 104 -6.26 -10.85 -16.50
CA PHE A 104 -5.13 -11.21 -17.37
C PHE A 104 -4.84 -10.23 -18.50
N ARG A 105 -5.44 -9.05 -18.48
CA ARG A 105 -5.03 -7.98 -19.38
C ARG A 105 -3.78 -7.33 -18.81
N ALA A 106 -2.70 -7.31 -19.58
CA ALA A 106 -1.49 -6.59 -19.16
C ALA A 106 -1.82 -5.12 -18.88
N GLY A 107 -1.38 -4.63 -17.72
CA GLY A 107 -1.70 -3.26 -17.30
C GLY A 107 -2.91 -3.12 -16.39
N SER A 108 -3.80 -4.12 -16.34
CA SER A 108 -5.00 -4.03 -15.51
C SER A 108 -4.63 -4.01 -14.03
N ARG A 109 -5.59 -3.57 -13.20
CA ARG A 109 -5.39 -3.50 -11.76
C ARG A 109 -5.44 -4.88 -11.12
N LEU A 110 -6.40 -5.66 -11.56
CA LEU A 110 -6.61 -6.97 -10.95
C LEU A 110 -5.37 -7.83 -11.20
N ARG A 111 -4.96 -7.90 -12.45
CA ARG A 111 -3.68 -8.47 -12.84
C ARG A 111 -2.50 -8.10 -11.92
N ARG A 112 -2.36 -6.83 -11.57
CA ARG A 112 -1.37 -6.42 -10.59
C ARG A 112 -1.66 -6.97 -9.17
N GLN A 113 -2.93 -6.91 -8.76
CA GLN A 113 -3.37 -7.44 -7.47
C GLN A 113 -3.01 -8.93 -7.38
N LEU A 114 -3.18 -9.61 -8.49
CA LEU A 114 -2.90 -11.04 -8.59
C LEU A 114 -1.38 -11.33 -8.59
N ALA A 115 -0.60 -10.55 -9.33
CA ALA A 115 0.85 -10.81 -9.40
C ALA A 115 1.48 -10.54 -8.03
N LYS A 116 0.91 -9.59 -7.32
CA LYS A 116 1.43 -9.17 -6.05
C LYS A 116 1.16 -10.27 -5.05
N LEU A 117 -0.04 -10.86 -5.11
CA LEU A 117 -0.36 -12.01 -4.29
C LEU A 117 0.50 -13.21 -4.66
N ALA A 118 0.62 -13.49 -5.96
CA ALA A 118 1.50 -14.55 -6.44
C ALA A 118 2.91 -14.33 -5.90
N ILE A 119 3.41 -13.10 -5.91
CA ILE A 119 4.73 -12.85 -5.33
C ILE A 119 4.77 -13.15 -3.82
N ILE A 120 3.73 -12.74 -3.10
CA ILE A 120 3.68 -13.00 -1.67
C ILE A 120 3.75 -14.52 -1.39
N PHE A 121 3.01 -15.31 -2.16
CA PHE A 121 3.12 -16.79 -2.06
C PHE A 121 4.51 -17.30 -2.36
N SER A 122 5.16 -16.78 -3.39
CA SER A 122 6.54 -17.15 -3.67
C SER A 122 7.43 -16.84 -2.46
N HIS A 123 7.30 -15.65 -1.92
CA HIS A 123 8.04 -15.27 -0.72
C HIS A 123 7.67 -16.12 0.49
N MET A 124 6.41 -16.49 0.62
CA MET A 124 6.00 -17.30 1.79
C MET A 124 6.61 -18.68 1.71
N HIS A 125 6.63 -19.25 0.51
CA HIS A 125 7.25 -20.53 0.32
C HIS A 125 8.75 -20.46 0.54
N ALA A 126 9.40 -19.49 -0.09
CA ALA A 126 10.85 -19.28 0.09
C ALA A 126 11.29 -19.18 1.57
N GLU A 127 10.49 -18.52 2.39
CA GLU A 127 10.81 -18.31 3.80
C GLU A 127 10.78 -19.66 4.55
N LEU A 128 9.71 -20.41 4.29
CA LEU A 128 9.51 -21.72 4.91
C LEU A 128 10.61 -22.67 4.49
N HIS A 129 10.93 -22.66 3.20
CA HIS A 129 11.97 -23.54 2.67
C HIS A 129 13.32 -23.18 3.28
N ALA A 130 13.55 -21.89 3.53
CA ALA A 130 14.81 -21.44 4.13
C ALA A 130 14.89 -21.77 5.63
N LEU A 131 13.78 -21.65 6.36
CA LEU A 131 13.81 -21.83 7.81
C LEU A 131 13.48 -23.26 8.26
N PHE A 132 12.81 -24.01 7.40
CA PHE A 132 12.46 -25.40 7.68
C PHE A 132 12.79 -26.28 6.47
N PRO A 133 14.06 -26.31 6.05
CA PRO A 133 14.36 -27.17 4.91
C PRO A 133 14.00 -28.60 5.23
N GLY A 134 13.18 -29.17 4.36
CA GLY A 134 12.71 -30.53 4.52
C GLY A 134 11.83 -30.72 5.74
N GLY A 135 11.31 -29.62 6.26
CA GLY A 135 10.46 -29.66 7.44
C GLY A 135 11.20 -29.46 8.74
N LYS A 136 12.52 -29.44 8.67
CA LYS A 136 13.38 -29.44 9.84
C LYS A 136 13.87 -28.03 10.12
N TYR A 137 13.49 -27.49 11.28
CA TYR A 137 13.82 -26.10 11.63
C TYR A 137 15.32 -25.82 11.82
N CYS A 138 15.82 -24.77 11.19
CA CYS A 138 17.22 -24.36 11.33
C CYS A 138 17.37 -22.86 11.68
N GLY A 139 16.28 -22.23 12.13
CA GLY A 139 16.28 -20.79 12.41
C GLY A 139 17.20 -20.35 13.53
N HIS A 140 17.51 -21.28 14.42
CA HIS A 140 18.43 -21.03 15.50
C HIS A 140 19.91 -21.19 15.04
N MET A 141 20.12 -21.68 13.83
CA MET A 141 21.46 -21.85 13.28
C MET A 141 21.65 -21.10 11.96
N TYR A 142 20.58 -20.58 11.39
CA TYR A 142 20.62 -19.99 10.07
C TYR A 142 21.68 -18.92 10.02
N GLN A 143 22.41 -18.88 8.89
CA GLN A 143 23.53 -17.96 8.71
C GLN A 143 23.20 -16.98 7.61
N LEU A 144 23.26 -15.68 7.91
CA LEU A 144 23.03 -14.64 6.90
C LEU A 144 24.24 -14.57 5.96
N THR A 145 24.00 -14.10 4.73
CA THR A 145 25.02 -14.16 3.67
C THR A 145 26.10 -13.11 3.86
N LYS A 146 25.70 -11.95 4.36
CA LYS A 146 26.61 -10.84 4.58
C LYS A 146 26.89 -10.78 6.07
N ALA A 147 28.16 -11.01 6.40
CA ALA A 147 28.60 -11.18 7.79
C ALA A 147 28.18 -10.03 8.71
N PRO A 148 28.26 -8.80 8.21
CA PRO A 148 27.97 -7.74 9.18
C PRO A 148 26.48 -7.75 9.50
N ALA A 149 25.66 -8.16 8.52
CA ALA A 149 24.21 -8.36 8.72
C ALA A 149 23.98 -9.46 9.73
N HIS A 150 24.73 -10.54 9.57
CA HIS A 150 24.65 -11.68 10.46
C HIS A 150 25.00 -11.25 11.87
N THR A 151 26.16 -10.62 12.05
CA THR A 151 26.53 -10.11 13.36
C THR A 151 25.37 -9.35 13.98
N PHE A 152 24.80 -8.41 13.22
CA PHE A 152 23.71 -7.59 13.68
C PHE A 152 22.53 -8.40 14.16
N TRP A 153 22.08 -9.29 13.30
CA TRP A 153 20.86 -10.01 13.59
C TRP A 153 21.02 -10.85 14.85
N ARG A 154 22.19 -11.46 15.05
CA ARG A 154 22.36 -12.34 16.21
C ARG A 154 22.61 -11.58 17.49
N GLU A 155 23.16 -10.37 17.40
CA GLU A 155 23.43 -9.59 18.62
C GLU A 155 22.18 -8.86 19.07
N SER A 156 21.32 -8.56 18.11
CA SER A 156 20.08 -7.85 18.35
C SER A 156 18.97 -8.80 18.73
N CYS A 157 18.85 -9.89 17.97
CA CYS A 157 17.70 -10.79 18.06
C CYS A 157 18.01 -12.12 18.75
N GLY A 158 19.29 -12.43 18.94
CA GLY A 158 19.70 -13.70 19.52
C GLY A 158 19.39 -14.87 18.59
N ALA A 159 18.89 -15.96 19.17
CA ALA A 159 18.51 -17.15 18.40
C ALA A 159 17.19 -17.00 17.63
N ARG A 160 16.45 -15.93 17.86
CA ARG A 160 15.12 -15.82 17.26
C ARG A 160 15.22 -15.77 15.76
N CYS A 161 14.27 -16.41 15.08
CA CYS A 161 14.17 -16.33 13.62
C CYS A 161 13.19 -15.29 13.14
N VAL A 162 12.38 -14.73 14.03
CA VAL A 162 11.32 -13.80 13.63
C VAL A 162 11.06 -12.78 14.74
N LEU A 163 10.57 -11.60 14.34
CA LEU A 163 10.39 -10.40 15.19
C LEU A 163 9.17 -9.61 14.71
N PRO A 164 8.39 -9.04 15.65
CA PRO A 164 7.36 -8.06 15.24
C PRO A 164 7.99 -6.85 14.59
N TRP A 165 7.33 -6.21 13.60
CA TRP A 165 7.93 -5.04 12.95
C TRP A 165 8.46 -3.97 13.94
N ALA A 166 7.62 -3.52 14.84
CA ALA A 166 7.97 -2.45 15.75
C ALA A 166 9.31 -2.70 16.42
N GLU A 167 9.49 -3.91 16.96
CA GLU A 167 10.74 -4.24 17.66
C GLU A 167 11.92 -4.28 16.69
N PHE A 168 11.68 -4.83 15.51
CA PHE A 168 12.70 -4.85 14.49
C PHE A 168 13.15 -3.44 14.09
N GLU A 169 12.19 -2.54 13.86
CA GLU A 169 12.50 -1.18 13.46
C GLU A 169 13.36 -0.55 14.52
N SER A 170 12.92 -0.66 15.76
CA SER A 170 13.66 -0.08 16.86
C SER A 170 15.11 -0.57 16.90
N LEU A 171 15.31 -1.85 16.62
CA LEU A 171 16.64 -2.44 16.68
C LEU A 171 17.49 -1.97 15.52
N LEU A 172 16.90 -1.99 14.33
CA LEU A 172 17.62 -1.57 13.11
C LEU A 172 18.03 -0.13 13.27
N GLY A 173 17.11 0.63 13.85
CA GLY A 173 17.26 2.05 14.10
C GLY A 173 18.49 2.43 14.88
N THR A 174 18.93 1.57 15.79
CA THR A 174 20.07 1.92 16.63
C THR A 174 21.41 1.70 15.92
N HIS A 176 21.33 1.87 11.86
CA HIS A 176 20.96 2.77 10.78
C HIS A 176 19.64 3.43 11.13
N PRO A 177 19.66 4.76 11.36
CA PRO A 177 18.44 5.40 11.86
C PRO A 177 17.37 5.41 10.79
N VAL A 178 16.13 5.17 11.20
CA VAL A 178 15.01 5.05 10.27
C VAL A 178 14.12 6.24 10.48
N GLU A 179 14.00 7.09 9.47
CA GLU A 179 13.19 8.32 9.61
C GLU A 179 11.72 7.96 9.73
N PRO A 180 11.05 8.43 10.79
CA PRO A 180 9.66 8.03 10.95
C PRO A 180 8.78 8.61 9.87
N GLY A 181 7.57 8.07 9.75
CA GLY A 181 6.60 8.55 8.79
C GLY A 181 6.67 7.76 7.51
N THR A 183 8.90 7.42 5.28
CA THR A 183 10.13 6.66 4.98
C THR A 183 10.12 5.34 5.70
N ALA A 184 9.77 5.36 6.98
CA ALA A 184 9.67 4.16 7.79
C ALA A 184 8.64 3.18 7.25
N LEU A 185 7.52 3.71 6.76
CA LEU A 185 6.50 2.89 6.14
C LEU A 185 7.06 2.24 4.84
N ALA A 186 7.59 3.04 3.91
CA ALA A 186 8.24 2.49 2.69
C ALA A 186 9.23 1.33 2.98
N LEU A 187 10.04 1.48 4.04
CA LEU A 187 11.04 0.47 4.39
C LEU A 187 10.35 -0.79 4.83
N ARG A 188 9.39 -0.66 5.72
CA ARG A 188 8.60 -1.78 6.19
C ARG A 188 8.03 -2.55 5.00
N THR A 189 7.40 -1.83 4.09
CA THR A 189 6.83 -2.42 2.86
C THR A 189 7.86 -3.20 2.03
N THR A 190 9.08 -2.69 1.95
CA THR A 190 10.19 -3.37 1.26
C THR A 190 10.73 -4.60 2.02
N ILE A 191 10.86 -4.50 3.34
CA ILE A 191 11.47 -5.61 4.12
C ILE A 191 10.50 -6.77 4.41
N ASP A 192 9.27 -6.46 4.81
CA ASP A 192 8.26 -7.44 5.16
C ASP A 192 7.66 -8.10 3.91
N LEU A 193 8.44 -9.00 3.32
CA LEU A 193 8.08 -9.62 2.05
C LEU A 193 6.74 -10.38 2.10
N THR A 194 6.42 -10.97 3.24
CA THR A 194 5.22 -11.76 3.41
C THR A 194 3.99 -10.95 3.83
N SER A 196 3.17 -9.77 6.71
CA SER A 196 2.76 -10.51 7.89
C SER A 196 2.83 -9.68 9.15
N GLY A 197 3.56 -8.57 9.11
CA GLY A 197 3.67 -7.69 10.27
C GLY A 197 4.87 -8.06 11.11
N HIS A 198 5.60 -9.09 10.67
CA HIS A 198 6.80 -9.55 11.34
C HIS A 198 7.90 -9.76 10.28
N VAL A 199 9.14 -9.58 10.76
CA VAL A 199 10.33 -9.66 9.93
C VAL A 199 11.11 -10.89 10.33
N SER A 200 11.39 -11.78 9.37
CA SER A 200 12.17 -12.99 9.64
C SER A 200 13.68 -12.86 9.28
N ILE A 201 14.48 -13.71 9.90
CA ILE A 201 15.92 -13.73 9.67
C ILE A 201 16.15 -13.94 8.17
N PHE A 202 15.18 -14.59 7.53
CA PHE A 202 15.20 -14.76 6.07
C PHE A 202 14.90 -13.48 5.33
N GLU A 203 13.78 -12.84 5.68
CA GLU A 203 13.43 -11.55 5.06
C GLU A 203 14.64 -10.60 5.17
N PHE A 204 15.35 -10.65 6.29
CA PHE A 204 16.44 -9.74 6.55
C PHE A 204 17.68 -10.09 5.72
N ASP A 205 17.91 -11.38 5.55
CA ASP A 205 18.93 -11.86 4.64
C ASP A 205 18.66 -11.32 3.23
N VAL A 206 17.41 -11.31 2.79
CA VAL A 206 17.11 -10.89 1.43
C VAL A 206 17.49 -9.43 1.25
N PHE A 207 16.92 -8.60 2.13
CA PHE A 207 17.11 -7.17 2.10
C PHE A 207 18.60 -6.79 2.23
N THR A 208 19.30 -7.33 3.24
CA THR A 208 20.70 -6.95 3.44
C THR A 208 21.61 -7.38 2.29
N ARG A 209 21.25 -8.44 1.59
CA ARG A 209 21.94 -8.79 0.35
C ARG A 209 21.61 -7.79 -0.75
N LEU A 210 20.33 -7.50 -0.92
CA LEU A 210 19.88 -6.62 -2.01
C LEU A 210 20.51 -5.24 -1.89
N PHE A 211 20.60 -4.72 -0.67
CA PHE A 211 21.10 -3.38 -0.41
C PHE A 211 22.45 -3.31 0.29
N GLN A 212 23.24 -4.35 0.12
CA GLN A 212 24.65 -4.30 0.49
C GLN A 212 25.36 -3.15 -0.24
N PRO A 213 26.48 -2.66 0.33
CA PRO A 213 27.09 -3.07 1.58
C PRO A 213 26.47 -2.44 2.82
N TRP A 214 26.76 -3.06 3.96
CA TRP A 214 26.13 -2.78 5.24
C TRP A 214 26.24 -1.35 5.75
N PRO A 215 27.44 -0.76 5.72
CA PRO A 215 27.61 0.63 6.16
C PRO A 215 26.75 1.65 5.40
N THR A 216 26.32 1.33 4.18
CA THR A 216 25.42 2.20 3.42
C THR A 216 24.02 1.61 3.22
N LEU A 217 23.67 0.61 4.03
CA LEU A 217 22.44 -0.16 3.82
C LEU A 217 21.27 0.72 3.42
N LEU A 218 20.87 1.61 4.31
CA LEU A 218 19.71 2.47 4.09
C LEU A 218 19.92 3.51 3.01
N LYS A 219 21.12 4.09 2.98
CA LYS A 219 21.51 4.98 1.91
C LYS A 219 21.21 4.34 0.53
N ASN A 220 21.59 3.08 0.36
CA ASN A 220 21.42 2.39 -0.91
C ASN A 220 19.95 2.19 -1.22
N TRP A 221 19.21 1.77 -0.20
CA TRP A 221 17.81 1.58 -0.33
C TRP A 221 17.13 2.90 -0.72
N GLN A 222 17.61 4.00 -0.14
CA GLN A 222 16.99 5.28 -0.34
C GLN A 222 17.30 5.74 -1.76
N LEU A 223 18.56 5.68 -2.14
CA LEU A 223 18.97 6.28 -3.38
C LEU A 223 18.61 5.37 -4.57
N LEU A 224 18.70 4.05 -4.39
CA LEU A 224 18.50 3.13 -5.51
C LEU A 224 17.10 2.53 -5.61
N ALA A 225 16.31 2.61 -4.55
CA ALA A 225 14.94 2.11 -4.55
C ALA A 225 13.93 3.22 -4.39
N VAL A 226 13.90 3.86 -3.23
CA VAL A 226 12.88 4.87 -2.98
C VAL A 226 12.94 6.00 -4.02
N ASN A 227 14.14 6.49 -4.31
CA ASN A 227 14.30 7.68 -5.16
C ASN A 227 14.78 7.41 -6.57
N HIS A 228 14.81 6.16 -7.00
CA HIS A 228 15.29 5.87 -8.32
C HIS A 228 14.09 5.53 -9.16
N PRO A 229 13.96 6.17 -10.33
CA PRO A 229 12.78 5.97 -11.18
C PRO A 229 12.78 4.62 -11.92
N GLY A 230 13.95 3.98 -11.99
CA GLY A 230 14.11 2.63 -12.57
C GLY A 230 13.75 1.47 -11.64
N TYR A 231 13.57 1.75 -10.36
CA TYR A 231 13.22 0.74 -9.39
C TYR A 231 11.73 0.46 -9.42
N MET A 232 11.39 -0.82 -9.56
CA MET A 232 10.00 -1.26 -9.69
C MET A 232 9.67 -2.23 -8.55
N ALA A 233 8.95 -1.78 -7.55
CA ALA A 233 8.82 -2.58 -6.33
C ALA A 233 7.97 -3.83 -6.58
N PHE A 234 8.54 -5.02 -6.36
CA PHE A 234 7.73 -6.24 -6.28
C PHE A 234 7.10 -6.59 -7.63
N LEU A 235 7.83 -6.45 -8.72
CA LEU A 235 7.29 -6.84 -10.01
C LEU A 235 7.75 -8.25 -10.34
N THR A 236 6.89 -8.96 -11.07
CA THR A 236 7.24 -10.22 -11.67
C THR A 236 8.00 -9.99 -12.99
N TYR A 237 8.68 -11.03 -13.44
CA TYR A 237 9.30 -11.09 -14.75
C TYR A 237 8.37 -10.70 -15.90
N ASP A 238 7.21 -11.36 -15.99
CA ASP A 238 6.30 -11.10 -17.11
C ASP A 238 5.83 -9.64 -17.12
N GLU A 239 5.66 -9.08 -15.94
CA GLU A 239 5.26 -7.69 -15.82
C GLU A 239 6.36 -6.78 -16.36
N VAL A 240 7.61 -7.10 -16.06
CA VAL A 240 8.70 -6.32 -16.62
C VAL A 240 8.60 -6.36 -18.16
N GLN A 241 8.40 -7.56 -18.73
CA GLN A 241 8.34 -7.74 -20.18
C GLN A 241 7.26 -6.87 -20.75
N GLU A 242 6.16 -6.77 -20.02
CA GLU A 242 5.01 -6.04 -20.47
C GLU A 242 5.31 -4.55 -20.39
N ARG A 243 5.83 -4.11 -19.26
CA ARG A 243 6.14 -2.70 -19.07
C ARG A 243 7.06 -2.15 -20.16
N LEU A 244 8.15 -2.86 -20.44
CA LEU A 244 9.16 -2.37 -21.36
C LEU A 244 8.73 -2.45 -22.83
N GLN A 245 7.53 -2.97 -23.08
CA GLN A 245 7.02 -3.06 -24.44
C GLN A 245 7.00 -1.69 -25.07
N ALA A 246 6.58 -0.69 -24.30
CA ALA A 246 6.52 0.68 -24.80
C ALA A 246 7.91 1.23 -25.08
N CYS A 247 8.87 0.91 -24.21
CA CYS A 247 10.23 1.44 -24.35
C CYS A 247 11.05 0.71 -25.40
N ARG A 248 10.44 -0.14 -26.21
CA ARG A 248 11.18 -0.85 -27.25
C ARG A 248 11.78 0.10 -28.32
N ASP A 249 11.20 1.29 -28.46
CA ASP A 249 11.79 2.38 -29.24
C ASP A 249 13.17 2.76 -28.74
N LYS A 250 13.28 3.00 -27.43
CA LYS A 250 14.48 3.56 -26.82
C LYS A 250 15.40 2.43 -26.38
N PRO A 251 16.34 2.00 -27.23
CA PRO A 251 17.28 1.00 -26.76
C PRO A 251 18.16 1.61 -25.67
N GLY A 252 18.37 0.87 -24.57
CA GLY A 252 19.05 1.41 -23.39
C GLY A 252 18.12 1.67 -22.21
N SER A 253 16.81 1.69 -22.48
CA SER A 253 15.81 1.82 -21.43
C SER A 253 15.91 0.60 -20.53
N TYR A 254 15.69 0.79 -19.23
CA TYR A 254 15.87 -0.30 -18.27
C TYR A 254 15.05 -0.06 -17.00
N ILE A 255 14.77 -1.14 -16.28
CA ILE A 255 14.15 -1.10 -14.96
C ILE A 255 14.69 -2.29 -14.15
N PHE A 256 14.70 -2.18 -12.83
CA PHE A 256 15.20 -3.27 -12.03
C PHE A 256 14.29 -3.56 -10.84
N ARG A 257 14.39 -4.79 -10.34
CA ARG A 257 13.50 -5.30 -9.30
C ARG A 257 14.18 -6.47 -8.64
N PRO A 258 13.68 -6.91 -7.49
CA PRO A 258 14.26 -8.14 -6.94
C PRO A 258 13.84 -9.35 -7.75
N SER A 259 14.78 -10.21 -8.11
CA SER A 259 14.46 -11.48 -8.72
C SER A 259 13.46 -12.16 -7.82
N CYS A 260 12.53 -12.90 -8.41
CA CYS A 260 11.54 -13.63 -7.63
CA CYS A 260 11.53 -13.65 -7.65
C CYS A 260 12.02 -15.05 -7.33
N THR A 261 12.88 -15.58 -8.19
CA THR A 261 13.36 -16.94 -8.01
C THR A 261 14.77 -17.03 -7.48
N ARG A 262 15.47 -15.91 -7.37
CA ARG A 262 16.79 -15.90 -6.75
C ARG A 262 16.86 -14.80 -5.74
N LEU A 263 16.36 -15.10 -4.54
CA LEU A 263 16.07 -14.08 -3.56
C LEU A 263 17.34 -13.57 -2.95
N GLY A 264 17.45 -12.26 -2.87
CA GLY A 264 18.67 -11.59 -2.51
C GLY A 264 19.32 -10.97 -3.73
N GLN A 265 18.81 -11.29 -4.91
CA GLN A 265 19.43 -10.83 -6.11
C GLN A 265 18.50 -9.98 -6.96
N TRP A 266 19.13 -9.18 -7.81
CA TRP A 266 18.43 -8.22 -8.65
C TRP A 266 18.21 -8.77 -10.04
N ALA A 267 17.13 -8.34 -10.68
CA ALA A 267 16.89 -8.67 -12.08
C ALA A 267 16.79 -7.36 -12.84
N ILE A 268 17.83 -7.04 -13.58
CA ILE A 268 17.79 -5.86 -14.43
C ILE A 268 17.05 -6.24 -15.72
N GLY A 269 16.11 -5.40 -16.14
CA GLY A 269 15.46 -5.55 -17.44
C GLY A 269 15.79 -4.40 -18.37
N TYR A 270 16.38 -4.69 -19.54
CA TYR A 270 16.80 -3.65 -20.48
C TYR A 270 16.35 -3.91 -21.89
N VAL A 271 16.22 -2.87 -22.70
CA VAL A 271 15.94 -3.03 -24.13
C VAL A 271 17.28 -3.02 -24.85
N SER A 272 17.57 -4.04 -25.65
CA SER A 272 18.86 -4.10 -26.36
C SER A 272 18.90 -3.17 -27.58
N SER A 273 20.05 -3.14 -28.27
CA SER A 273 20.21 -2.49 -29.60
C SER A 273 19.15 -2.92 -30.59
N ASP A 274 18.96 -4.24 -30.67
CA ASP A 274 17.98 -4.88 -31.56
CA ASP A 274 17.97 -4.86 -31.57
C ASP A 274 16.53 -4.45 -31.26
N GLY A 275 16.29 -4.01 -30.04
CA GLY A 275 14.95 -3.68 -29.57
C GLY A 275 14.35 -4.84 -28.81
N SER A 276 15.11 -5.92 -28.66
CA SER A 276 14.67 -7.07 -27.88
C SER A 276 14.79 -6.78 -26.37
N ILE A 277 13.77 -7.17 -25.62
CA ILE A 277 13.78 -7.00 -24.17
C ILE A 277 14.47 -8.19 -23.52
N LEU A 278 15.57 -7.89 -22.83
CA LEU A 278 16.34 -8.90 -22.13
C LEU A 278 16.30 -8.64 -20.62
N GLN A 279 16.30 -9.71 -19.82
CA GLN A 279 16.46 -9.57 -18.37
C GLN A 279 17.67 -10.37 -17.90
N THR A 280 18.46 -9.80 -17.00
CA THR A 280 19.68 -10.45 -16.51
C THR A 280 19.82 -10.33 -14.99
N ILE A 281 20.30 -11.39 -14.36
CA ILE A 281 20.56 -11.33 -12.93
C ILE A 281 22.07 -11.21 -12.74
N PRO A 282 22.53 -10.12 -12.11
CA PRO A 282 23.95 -10.03 -11.81
C PRO A 282 24.32 -10.71 -10.50
N ALA A 283 25.52 -11.24 -10.45
CA ALA A 283 26.07 -11.79 -9.23
C ALA A 283 27.46 -11.20 -9.14
N ASN A 284 27.93 -10.83 -7.95
CA ASN A 284 27.15 -10.65 -6.73
C ASN A 284 27.70 -9.35 -6.18
N LYS A 285 27.42 -8.29 -6.94
CA LYS A 285 28.04 -7.00 -6.76
C LYS A 285 27.00 -6.14 -6.08
N PRO A 286 27.40 -5.02 -5.48
CA PRO A 286 26.33 -4.13 -5.08
C PRO A 286 25.58 -3.60 -6.30
N LEU A 287 24.35 -3.15 -6.08
CA LEU A 287 23.55 -2.66 -7.17
C LEU A 287 24.16 -1.39 -7.79
N SER A 288 24.84 -0.59 -6.96
CA SER A 288 25.51 0.60 -7.43
C SER A 288 26.58 0.26 -8.46
N GLN A 289 27.36 -0.77 -8.21
CA GLN A 289 28.35 -1.23 -9.18
C GLN A 289 27.67 -1.71 -10.46
N VAL A 290 26.55 -2.40 -10.31
CA VAL A 290 25.85 -2.97 -11.48
C VAL A 290 25.35 -1.89 -12.44
N LEU A 291 24.76 -0.83 -11.90
CA LEU A 291 24.17 0.21 -12.75
C LEU A 291 25.22 1.11 -13.40
N LEU A 292 26.25 1.43 -12.64
CA LEU A 292 27.35 2.24 -13.16
C LEU A 292 28.04 1.56 -14.35
N GLU A 293 28.36 0.29 -14.22
CA GLU A 293 29.00 -0.45 -15.31
C GLU A 293 28.08 -0.59 -16.51
N GLY A 294 26.81 -0.86 -16.25
CA GLY A 294 25.83 -0.97 -17.32
C GLY A 294 25.61 0.37 -18.01
N GLN A 295 25.65 1.46 -17.24
CA GLN A 295 25.63 2.78 -17.83
C GLN A 295 26.86 2.93 -18.73
N LYS A 296 28.05 2.81 -18.12
CA LYS A 296 29.32 3.05 -18.82
C LYS A 296 29.49 2.20 -20.10
N ASP A 297 28.71 1.13 -20.24
CA ASP A 297 28.81 0.26 -21.40
C ASP A 297 27.64 0.44 -22.36
N GLY A 298 26.72 1.36 -22.04
CA GLY A 298 25.60 1.71 -22.92
C GLY A 298 24.34 0.87 -22.79
N PHE A 299 24.34 -0.08 -21.86
CA PHE A 299 23.21 -0.99 -21.68
C PHE A 299 22.11 -0.38 -20.80
N TYR A 300 22.51 0.29 -19.72
CA TYR A 300 21.54 0.86 -18.74
C TYR A 300 21.53 2.40 -18.68
N LEU A 301 20.72 3.01 -19.55
CA LEU A 301 20.76 4.46 -19.79
C LEU A 301 19.48 5.23 -19.42
N TYR A 302 18.31 4.62 -19.64
CA TYR A 302 17.05 5.36 -19.49
C TYR A 302 16.05 4.62 -18.56
N PRO A 303 16.04 4.98 -17.26
CA PRO A 303 15.14 4.38 -16.30
C PRO A 303 13.70 4.56 -16.68
N ASP A 304 12.96 3.47 -16.69
CA ASP A 304 11.55 3.46 -17.05
C ASP A 304 11.26 4.03 -18.44
N GLY A 305 12.30 4.07 -19.27
CA GLY A 305 12.24 4.73 -20.59
C GLY A 305 12.34 6.27 -20.58
N LYS A 306 12.76 6.82 -19.44
CA LYS A 306 12.87 8.26 -19.22
C LYS A 306 14.35 8.70 -19.18
N THR A 307 14.59 10.00 -19.36
CA THR A 307 15.92 10.51 -19.67
C THR A 307 16.79 10.76 -18.45
N HIS A 308 16.17 11.10 -17.32
CA HIS A 308 16.89 11.40 -16.07
C HIS A 308 17.45 10.13 -15.41
N ASN A 309 18.74 9.87 -15.60
CA ASN A 309 19.45 8.75 -14.96
C ASN A 309 20.33 9.25 -13.79
N PRO A 310 19.87 9.12 -12.53
CA PRO A 310 20.64 9.61 -11.40
C PRO A 310 22.13 9.29 -11.45
N ASP A 311 22.96 10.29 -11.19
CA ASP A 311 24.40 10.05 -11.07
C ASP A 311 24.70 9.30 -9.78
N LEU A 312 25.27 8.11 -9.92
CA LEU A 312 25.59 7.27 -8.79
C LEU A 312 27.11 7.17 -8.57
N THR A 313 27.85 8.09 -9.18
CA THR A 313 29.30 8.04 -9.11
C THR A 313 29.79 7.98 -7.68
N GLU A 314 29.29 8.87 -6.83
CA GLU A 314 29.75 8.89 -5.44
C GLU A 314 29.32 7.66 -4.68
N LEU A 315 28.07 7.25 -4.85
CA LEU A 315 27.57 6.10 -4.14
C LEU A 315 28.37 4.83 -4.51
N GLY A 316 28.63 4.66 -5.80
CA GLY A 316 29.45 3.54 -6.26
C GLY A 316 30.84 3.55 -5.69
N ALA A 317 31.45 4.72 -5.61
CA ALA A 317 32.77 4.86 -5.02
C ALA A 317 32.67 4.57 -3.55
N GLU A 318 31.68 5.17 -2.89
CA GLU A 318 31.46 4.92 -1.48
C GLU A 318 31.27 3.42 -1.20
N ASN A 319 30.52 2.73 -2.06
CA ASN A 319 30.27 1.29 -1.86
C ASN A 319 31.50 0.38 -2.04
N LEU A 320 32.39 0.73 -2.96
CA LEU A 320 33.63 -0.01 -3.14
C LEU A 320 34.53 0.20 -1.94
N TYR A 321 34.55 1.42 -1.45
CA TYR A 321 35.33 1.75 -0.26
C TYR A 321 34.90 0.92 0.94
N PHE A 322 33.62 0.56 1.03
CA PHE A 322 33.10 -0.16 2.20
C PHE A 322 32.90 -1.66 2.10
N GLN A 323 32.45 -2.14 0.93
CA GLN A 323 32.54 -3.57 0.59
C GLN A 323 32.61 -4.45 1.84
N ARG B 3 13.62 34.89 12.61
CA ARG B 3 12.87 33.99 11.68
C ARG B 3 11.52 34.63 11.31
N GLN B 4 11.35 34.92 10.01
CA GLN B 4 10.10 35.49 9.48
C GLN B 4 9.78 35.01 8.06
N TRP B 5 10.77 34.51 7.31
CA TRP B 5 10.65 34.33 5.85
C TRP B 5 10.76 32.90 5.31
N GLU B 6 11.13 31.92 6.12
CA GLU B 6 11.23 30.56 5.59
C GLU B 6 9.86 30.06 5.12
N GLU B 7 8.88 30.20 6.00
CA GLU B 7 7.57 29.66 5.71
C GLU B 7 7.03 30.28 4.44
N ALA B 8 7.20 31.60 4.34
CA ALA B 8 6.80 32.33 3.14
C ALA B 8 7.43 31.75 1.86
N ARG B 9 8.70 31.41 1.94
CA ARG B 9 9.38 30.82 0.81
C ARG B 9 8.78 29.46 0.51
N ALA B 10 8.58 28.66 1.56
CA ALA B 10 7.92 27.39 1.40
C ALA B 10 6.57 27.51 0.70
N LEU B 11 5.70 28.37 1.23
CA LEU B 11 4.39 28.56 0.63
C LEU B 11 4.48 29.01 -0.83
N GLY B 12 5.48 29.83 -1.15
CA GLY B 12 5.62 30.33 -2.50
C GLY B 12 6.06 29.23 -3.46
N ARG B 13 6.94 28.38 -2.95
CA ARG B 13 7.52 27.28 -3.73
CA ARG B 13 7.52 27.29 -3.72
C ARG B 13 6.38 26.33 -4.15
N ALA B 14 5.54 25.99 -3.16
CA ALA B 14 4.36 25.15 -3.37
C ALA B 14 3.43 25.75 -4.40
N VAL B 15 3.12 27.03 -4.24
CA VAL B 15 2.15 27.67 -5.10
C VAL B 15 2.62 27.62 -6.55
N ARG B 16 3.88 27.96 -6.78
CA ARG B 16 4.48 27.90 -8.12
C ARG B 16 4.40 26.49 -8.69
N MET B 17 4.63 25.50 -7.84
CA MET B 17 4.64 24.12 -8.27
C MET B 17 3.27 23.64 -8.70
N LEU B 18 2.24 23.96 -7.90
CA LEU B 18 0.87 23.74 -8.26
C LEU B 18 0.54 24.37 -9.62
N GLN B 19 0.95 25.61 -9.83
CA GLN B 19 0.76 26.27 -11.12
C GLN B 19 1.45 25.55 -12.27
N ARG B 20 2.58 24.94 -11.99
CA ARG B 20 3.35 24.26 -13.01
C ARG B 20 2.75 22.89 -13.28
N LEU B 21 2.19 22.28 -12.25
CA LEU B 21 1.58 20.97 -12.38
C LEU B 21 0.25 21.09 -13.12
N GLU B 22 -0.47 22.18 -12.87
CA GLU B 22 -1.71 22.47 -13.59
C GLU B 22 -1.50 22.45 -15.10
N GLU B 23 -0.33 22.87 -15.56
CA GLU B 23 -0.01 22.86 -16.98
C GLU B 23 0.10 21.44 -17.54
N GLN B 24 0.75 20.56 -16.77
CA GLN B 24 0.89 19.16 -17.16
C GLN B 24 -0.43 18.40 -17.25
N CYS B 25 -1.46 18.85 -16.53
CA CYS B 25 -2.78 18.23 -16.62
C CYS B 25 -3.59 18.77 -17.82
N VAL B 26 -2.90 18.86 -18.96
CA VAL B 26 -3.44 19.46 -20.19
C VAL B 26 -4.36 18.52 -20.98
N ASP B 27 -4.33 17.22 -20.65
CA ASP B 27 -5.12 16.21 -21.37
C ASP B 27 -6.62 16.29 -21.09
N PRO B 28 -7.43 16.33 -22.18
CA PRO B 28 -8.88 16.47 -22.05
C PRO B 28 -9.54 15.43 -21.17
N ARG B 29 -9.13 14.17 -21.31
CA ARG B 29 -9.71 13.05 -20.55
C ARG B 29 -9.64 13.25 -19.05
N LEU B 30 -8.92 14.29 -18.62
CA LEU B 30 -8.92 14.70 -17.23
C LEU B 30 -9.94 15.84 -16.99
N SER B 31 -10.82 15.69 -16.00
CA SER B 31 -11.07 14.41 -15.28
C SER B 31 -12.48 13.90 -15.51
N VAL B 32 -13.50 14.75 -15.43
CA VAL B 32 -13.45 16.05 -14.76
C VAL B 32 -14.37 15.97 -13.54
N SER B 33 -14.76 14.74 -13.19
CA SER B 33 -15.65 14.50 -12.07
C SER B 33 -14.82 14.47 -10.79
N PRO B 34 -15.35 15.02 -9.68
CA PRO B 34 -14.63 15.03 -8.42
C PRO B 34 -14.21 13.64 -7.91
N PRO B 35 -12.93 13.47 -7.53
CA PRO B 35 -11.86 14.45 -7.54
C PRO B 35 -11.20 14.61 -8.90
N SER B 36 -11.00 15.86 -9.26
CA SER B 36 -10.38 16.27 -10.52
C SER B 36 -9.19 17.17 -10.20
N LEU B 37 -7.99 16.76 -10.60
CA LEU B 37 -6.76 17.52 -10.27
C LEU B 37 -6.80 18.91 -10.89
N ARG B 38 -7.72 19.08 -11.79
CA ARG B 38 -7.69 20.22 -12.62
C ARG B 38 -8.49 21.34 -11.95
N ASP B 39 -9.53 20.96 -11.24
CA ASP B 39 -10.19 21.85 -10.31
C ASP B 39 -9.30 22.04 -9.07
N LEU B 40 -8.75 20.95 -8.54
CA LEU B 40 -8.07 21.00 -7.25
C LEU B 40 -6.79 21.80 -7.24
N LEU B 41 -6.01 21.74 -8.30
CA LEU B 41 -4.71 22.40 -8.27
C LEU B 41 -4.82 23.93 -8.07
N PRO B 42 -5.58 24.63 -8.92
CA PRO B 42 -5.69 26.05 -8.70
C PRO B 42 -6.51 26.39 -7.46
N ARG B 43 -7.45 25.54 -7.08
CA ARG B 43 -8.17 25.74 -5.83
C ARG B 43 -7.22 25.72 -4.64
N THR B 44 -6.27 24.82 -4.66
CA THR B 44 -5.33 24.67 -3.58
C THR B 44 -4.29 25.77 -3.65
N ALA B 45 -3.97 26.20 -4.86
CA ALA B 45 -2.98 27.25 -5.03
C ALA B 45 -3.50 28.52 -4.38
N GLN B 46 -4.74 28.86 -4.66
CA GLN B 46 -5.28 30.13 -4.19
C GLN B 46 -5.34 30.09 -2.69
N LEU B 47 -5.85 29.00 -2.15
CA LEU B 47 -5.91 28.86 -0.71
C LEU B 47 -4.53 29.02 -0.05
N LEU B 48 -3.49 28.57 -0.73
CA LEU B 48 -2.11 28.72 -0.21
C LEU B 48 -1.70 30.19 -0.21
N ARG B 49 -2.01 30.89 -1.30
CA ARG B 49 -1.82 32.34 -1.35
C ARG B 49 -2.53 33.03 -0.19
N GLU B 50 -3.75 32.60 0.14
CA GLU B 50 -4.45 33.20 1.25
C GLU B 50 -3.71 32.95 2.55
N VAL B 51 -3.24 31.73 2.73
CA VAL B 51 -2.49 31.38 3.91
C VAL B 51 -1.23 32.26 3.98
N ALA B 52 -0.50 32.32 2.86
CA ALA B 52 0.71 33.15 2.77
C ALA B 52 0.39 34.57 3.19
N HIS B 53 -0.68 35.10 2.61
CA HIS B 53 -1.13 36.46 2.88
C HIS B 53 -1.63 36.65 4.30
N SER B 54 -2.45 35.73 4.77
CA SER B 54 -2.98 35.86 6.12
C SER B 54 -1.86 35.89 7.17
N ARG B 55 -0.70 35.38 6.81
CA ARG B 55 0.40 35.25 7.75
C ARG B 55 1.55 36.23 7.53
N ARG B 56 1.53 37.05 6.48
CA ARG B 56 2.46 38.18 6.41
C ARG B 56 2.17 38.98 7.65
N GLU B 57 0.89 39.26 7.83
CA GLU B 57 0.42 40.24 8.83
C GLU B 57 0.01 39.61 10.15
N ALA B 58 0.64 38.50 10.50
CA ALA B 58 0.13 37.67 11.57
C ALA B 58 0.84 37.90 12.92
N GLY B 59 0.03 38.19 13.94
CA GLY B 59 0.31 37.71 15.29
C GLY B 59 -0.09 36.22 15.45
N GLY B 60 -0.72 35.65 14.41
CA GLY B 60 -1.24 34.27 14.46
C GLY B 60 -0.88 33.32 13.31
N GLY B 61 -1.40 32.08 13.38
CA GLY B 61 -2.42 31.69 14.40
C GLY B 61 -1.92 30.75 15.49
N GLY B 62 -2.59 30.80 16.65
CA GLY B 62 -2.31 29.91 17.79
C GLY B 62 -0.88 29.86 18.33
N PRO B 63 -0.64 29.00 19.35
CA PRO B 63 0.74 28.74 19.82
C PRO B 63 1.57 27.99 18.78
N GLY B 64 2.89 27.95 18.97
CA GLY B 64 3.82 27.53 17.91
C GLY B 64 4.84 26.43 18.20
N GLY B 65 4.54 25.58 19.19
CA GLY B 65 5.33 24.40 19.43
C GLY B 65 5.06 23.37 18.35
N PRO B 66 5.51 22.13 18.57
CA PRO B 66 5.16 21.14 17.58
C PRO B 66 3.66 20.92 17.61
N GLY B 67 3.05 20.71 16.45
CA GLY B 67 1.63 20.50 16.37
C GLY B 67 0.86 21.76 16.08
N GLY B 68 1.54 22.92 16.17
CA GLY B 68 0.92 24.18 15.85
C GLY B 68 0.85 24.40 14.35
N SER B 69 0.45 25.59 13.95
CA SER B 69 0.31 25.96 12.55
C SER B 69 1.60 25.88 11.74
N GLY B 70 2.71 26.30 12.33
CA GLY B 70 3.98 26.36 11.61
C GLY B 70 4.50 24.97 11.32
N ASP B 71 4.44 24.13 12.34
CA ASP B 71 4.74 22.72 12.24
C ASP B 71 3.83 22.03 11.24
N PHE B 72 2.54 22.31 11.30
CA PHE B 72 1.61 21.72 10.38
C PHE B 72 2.00 22.00 8.94
N LEU B 73 2.37 23.24 8.67
CA LEU B 73 2.63 23.66 7.28
C LEU B 73 3.94 23.07 6.77
N LEU B 74 4.98 23.11 7.60
CA LEU B 74 6.23 22.41 7.32
C LEU B 74 5.97 21.00 6.75
N ILE B 75 5.14 20.23 7.45
CA ILE B 75 4.86 18.87 7.07
C ILE B 75 3.91 18.84 5.87
N TYR B 76 2.88 19.65 5.93
CA TYR B 76 1.93 19.71 4.85
C TYR B 76 2.55 20.03 3.51
N LEU B 77 3.37 21.06 3.47
CA LEU B 77 4.04 21.48 2.23
C LEU B 77 5.04 20.45 1.71
N ALA B 78 5.83 19.90 2.61
CA ALA B 78 6.73 18.80 2.26
C ALA B 78 5.98 17.67 1.55
N ASN B 79 4.76 17.38 2.02
CA ASN B 79 3.97 16.28 1.52
C ASN B 79 3.39 16.60 0.17
N LEU B 80 2.80 17.78 0.09
CA LEU B 80 2.23 18.29 -1.14
C LEU B 80 3.26 18.24 -2.26
N GLU B 81 4.49 18.62 -1.95
CA GLU B 81 5.57 18.57 -2.93
C GLU B 81 5.80 17.11 -3.30
N ALA B 82 5.89 16.24 -2.31
CA ALA B 82 6.13 14.83 -2.59
C ALA B 82 5.05 14.32 -3.54
N LYS B 83 3.80 14.65 -3.23
CA LYS B 83 2.69 14.08 -3.96
C LYS B 83 2.67 14.64 -5.38
N SER B 84 3.10 15.88 -5.52
CA SER B 84 3.09 16.56 -6.78
C SER B 84 4.06 15.91 -7.73
N ARG B 85 5.23 15.53 -7.22
CA ARG B 85 6.23 14.83 -8.01
C ARG B 85 5.70 13.53 -8.53
N GLN B 86 4.89 12.85 -7.75
CA GLN B 86 4.38 11.54 -8.17
C GLN B 86 3.44 11.71 -9.34
N VAL B 87 2.61 12.74 -9.27
CA VAL B 87 1.73 13.09 -10.39
C VAL B 87 2.53 13.59 -11.58
N ALA B 88 3.58 14.36 -11.34
CA ALA B 88 4.46 14.79 -12.41
C ALA B 88 4.98 13.59 -13.18
N ALA B 89 5.47 12.61 -12.44
CA ALA B 89 6.06 11.43 -13.03
C ALA B 89 5.04 10.60 -13.78
N LEU B 90 3.80 10.58 -13.30
CA LEU B 90 2.75 9.78 -13.92
C LEU B 90 2.35 10.25 -15.30
N LEU B 91 2.10 11.56 -15.43
CA LEU B 91 1.50 12.11 -16.64
C LEU B 91 2.32 13.24 -17.21
N PRO B 92 3.56 12.95 -17.64
CA PRO B 92 4.33 14.02 -18.26
C PRO B 92 3.73 14.42 -19.62
N PRO B 93 4.36 15.38 -20.32
CA PRO B 93 5.41 16.31 -19.87
C PRO B 93 5.04 17.80 -19.75
N ARG B 94 4.37 18.36 -20.77
CA ARG B 94 4.05 19.81 -20.83
C ARG B 94 2.59 20.31 -21.00
N GLY B 95 1.66 19.57 -21.61
CA GLY B 95 1.84 18.24 -22.17
C GLY B 95 2.57 18.19 -23.51
N ARG B 96 2.58 17.01 -24.11
CA ARG B 96 3.29 16.77 -25.36
C ARG B 96 2.30 16.46 -26.49
N ARG B 97 1.60 15.34 -26.37
CA ARG B 97 0.62 14.92 -27.37
C ARG B 97 -0.69 14.54 -26.68
N SER B 98 -1.15 13.29 -26.87
CA SER B 98 -2.25 12.75 -26.09
C SER B 98 -1.78 11.41 -25.50
N ALA B 99 -1.44 11.43 -24.21
CA ALA B 99 -0.87 10.23 -23.55
C ALA B 99 -0.95 10.35 -22.01
N ASN B 100 -1.00 9.23 -21.27
CA ASN B 100 -0.90 7.84 -21.78
C ASN B 100 -2.27 7.13 -21.89
N ASP B 101 -2.54 6.48 -23.03
CA ASP B 101 -3.86 5.85 -23.30
C ASP B 101 -4.38 4.95 -22.14
N GLU B 102 -3.46 4.27 -21.46
CA GLU B 102 -3.83 3.38 -20.34
C GLU B 102 -4.28 4.15 -19.12
N LEU B 103 -3.83 5.40 -18.99
CA LEU B 103 -4.16 6.24 -17.84
C LEU B 103 -5.69 6.44 -17.66
N PHE B 104 -6.46 6.15 -18.70
CA PHE B 104 -7.91 6.39 -18.74
C PHE B 104 -8.76 5.18 -19.15
N ARG B 105 -8.18 3.99 -19.24
CA ARG B 105 -8.98 2.79 -19.40
C ARG B 105 -9.51 2.40 -18.05
N ALA B 106 -10.83 2.29 -17.94
CA ALA B 106 -11.45 1.80 -16.70
C ALA B 106 -10.87 0.40 -16.38
N GLY B 107 -10.46 0.22 -15.12
CA GLY B 107 -9.83 -1.03 -14.70
C GLY B 107 -8.32 -1.06 -14.78
N SER B 108 -7.69 -0.12 -15.50
CA SER B 108 -6.23 -0.12 -15.61
C SER B 108 -5.59 0.23 -14.27
N ARG B 109 -4.31 -0.11 -14.14
CA ARG B 109 -3.55 0.18 -12.93
C ARG B 109 -3.26 1.66 -12.80
N LEU B 110 -2.79 2.24 -13.90
CA LEU B 110 -2.36 3.62 -13.90
C LEU B 110 -3.55 4.52 -13.49
N ARG B 111 -4.66 4.33 -14.19
CA ARG B 111 -5.94 4.90 -13.81
C ARG B 111 -6.25 4.86 -12.30
N ARG B 112 -6.02 3.73 -11.66
CA ARG B 112 -6.15 3.63 -10.21
C ARG B 112 -5.07 4.47 -9.49
N GLN B 113 -3.83 4.38 -9.93
CA GLN B 113 -2.73 5.19 -9.39
C GLN B 113 -3.10 6.68 -9.45
N LEU B 114 -3.70 7.06 -10.56
CA LEU B 114 -4.09 8.45 -10.79
C LEU B 114 -5.27 8.86 -9.91
N ALA B 115 -6.28 8.01 -9.78
CA ALA B 115 -7.46 8.35 -8.97
C ALA B 115 -7.05 8.46 -7.48
N LYS B 116 -6.12 7.63 -7.09
CA LYS B 116 -5.67 7.58 -5.72
C LYS B 116 -4.94 8.88 -5.42
N LEU B 117 -4.09 9.33 -6.34
CA LEU B 117 -3.43 10.62 -6.20
C LEU B 117 -4.44 11.78 -6.21
N ALA B 118 -5.35 11.74 -7.18
CA ALA B 118 -6.43 12.73 -7.22
C ALA B 118 -7.16 12.76 -5.88
N ILE B 119 -7.45 11.60 -5.29
CA ILE B 119 -8.09 11.60 -3.97
C ILE B 119 -7.20 12.24 -2.91
N ILE B 120 -5.91 11.94 -2.93
CA ILE B 120 -4.99 12.52 -1.96
C ILE B 120 -4.97 14.05 -2.07
N PHE B 121 -4.97 14.59 -3.29
CA PHE B 121 -5.11 16.04 -3.49
C PHE B 121 -6.42 16.58 -2.91
N SER B 122 -7.53 15.90 -3.17
CA SER B 122 -8.80 16.32 -2.61
C SER B 122 -8.70 16.37 -1.10
N HIS B 123 -8.17 15.31 -0.51
CA HIS B 123 -7.94 15.31 0.95
C HIS B 123 -6.98 16.38 1.42
N MET B 124 -5.95 16.66 0.63
CA MET B 124 -4.97 17.68 1.04
C MET B 124 -5.61 19.07 1.03
N HIS B 125 -6.42 19.33 0.04
CA HIS B 125 -7.13 20.58 0.00
C HIS B 125 -8.17 20.69 1.11
N ALA B 126 -8.96 19.63 1.29
CA ALA B 126 -9.95 19.61 2.37
C ALA B 126 -9.35 19.92 3.77
N GLU B 127 -8.16 19.40 4.05
CA GLU B 127 -7.52 19.54 5.34
C GLU B 127 -7.15 21.02 5.53
N LEU B 128 -6.55 21.59 4.49
CA LEU B 128 -6.10 22.98 4.52
C LEU B 128 -7.29 23.90 4.69
N HIS B 129 -8.35 23.63 3.94
CA HIS B 129 -9.56 24.43 4.00
C HIS B 129 -10.19 24.34 5.39
N ALA B 130 -10.11 23.17 6.02
CA ALA B 130 -10.65 23.00 7.38
C ALA B 130 -9.80 23.69 8.45
N LEU B 131 -8.47 23.64 8.31
CA LEU B 131 -7.57 24.13 9.36
C LEU B 131 -7.16 25.59 9.20
N PHE B 132 -7.23 26.08 7.96
CA PHE B 132 -6.93 27.47 7.62
C PHE B 132 -8.02 28.06 6.72
N PRO B 133 -9.27 28.07 7.20
CA PRO B 133 -10.29 28.66 6.34
C PRO B 133 -9.93 30.10 6.02
N GLY B 134 -9.90 30.40 4.72
CA GLY B 134 -9.54 31.71 4.23
C GLY B 134 -8.11 32.11 4.53
N GLY B 135 -7.28 31.14 4.82
CA GLY B 135 -5.88 31.39 5.15
C GLY B 135 -5.63 31.54 6.65
N LYS B 136 -6.71 31.62 7.43
CA LYS B 136 -6.63 31.94 8.83
C LYS B 136 -6.69 30.67 9.67
N TYR B 137 -5.64 30.38 10.40
CA TYR B 137 -5.55 29.15 11.21
C TYR B 137 -6.56 29.05 12.35
N CYS B 138 -7.28 27.94 12.44
CA CYS B 138 -8.24 27.68 13.54
C CYS B 138 -8.00 26.34 14.27
N GLY B 139 -6.84 25.74 14.08
CA GLY B 139 -6.55 24.39 14.61
C GLY B 139 -6.50 24.31 16.12
N HIS B 140 -6.23 25.45 16.75
CA HIS B 140 -6.24 25.54 18.19
C HIS B 140 -7.67 25.73 18.75
N MET B 141 -8.65 25.91 17.87
CA MET B 141 -10.05 26.07 18.25
C MET B 141 -10.98 25.07 17.56
N TYR B 142 -10.46 24.33 16.58
CA TYR B 142 -11.28 23.46 15.77
C TYR B 142 -12.04 22.50 16.65
N GLN B 143 -13.30 22.26 16.30
CA GLN B 143 -14.21 21.42 17.07
C GLN B 143 -14.56 20.18 16.28
N LEU B 144 -14.33 19.00 16.84
CA LEU B 144 -14.70 17.73 16.18
C LEU B 144 -16.21 17.52 16.27
N THR B 145 -16.76 16.79 15.30
CA THR B 145 -18.21 16.68 15.14
C THR B 145 -18.85 15.81 16.20
N LYS B 146 -18.13 14.77 16.59
CA LYS B 146 -18.61 13.82 17.59
C LYS B 146 -17.89 14.14 18.88
N ALA B 147 -18.67 14.55 19.88
CA ALA B 147 -18.15 15.06 21.16
C ALA B 147 -17.16 14.11 21.86
N PRO B 148 -17.43 12.82 21.85
CA PRO B 148 -16.50 12.00 22.59
C PRO B 148 -15.15 11.98 21.88
N ALA B 149 -15.18 12.06 20.55
CA ALA B 149 -13.96 12.19 19.73
C ALA B 149 -13.22 13.46 20.08
N HIS B 150 -13.99 14.54 20.19
CA HIS B 150 -13.47 15.85 20.54
C HIS B 150 -12.81 15.80 21.92
N THR B 151 -13.54 15.32 22.91
CA THR B 151 -12.95 15.16 24.23
C THR B 151 -11.60 14.44 24.16
N PHE B 152 -11.57 13.31 23.45
CA PHE B 152 -10.37 12.53 23.30
C PHE B 152 -9.22 13.33 22.72
N TRP B 153 -9.49 13.98 21.59
CA TRP B 153 -8.42 14.65 20.87
C TRP B 153 -7.82 15.76 21.72
N ARG B 154 -8.66 16.50 22.44
CA ARG B 154 -8.12 17.63 23.20
C ARG B 154 -7.44 17.20 24.48
N GLU B 155 -7.83 16.05 25.04
CA GLU B 155 -7.21 15.60 26.30
C GLU B 155 -5.89 14.91 26.02
N SER B 156 -5.80 14.34 24.83
CA SER B 156 -4.65 13.59 24.41
C SER B 156 -3.63 14.49 23.74
N CYS B 157 -4.10 15.36 22.87
CA CYS B 157 -3.24 16.16 22.01
C CYS B 157 -3.15 17.63 22.42
N GLY B 158 -4.03 18.08 23.31
CA GLY B 158 -4.10 19.49 23.69
C GLY B 158 -4.53 20.37 22.53
N ALA B 159 -3.89 21.53 22.38
CA ALA B 159 -4.19 22.47 21.30
C ALA B 159 -3.63 22.06 19.93
N ARG B 160 -2.85 21.00 19.86
CA ARG B 160 -2.17 20.64 18.62
C ARG B 160 -3.18 20.26 17.55
N CYS B 161 -2.91 20.61 16.30
CA CYS B 161 -3.75 20.19 15.19
C CYS B 161 -3.21 18.98 14.43
N VAL B 162 -1.97 18.58 14.71
CA VAL B 162 -1.32 17.49 13.99
C VAL B 162 -0.33 16.74 14.90
N LEU B 163 -0.12 15.47 14.58
CA LEU B 163 0.66 14.49 15.36
C LEU B 163 1.38 13.51 14.43
N PRO B 164 2.59 13.10 14.79
CA PRO B 164 3.22 11.98 14.06
C PRO B 164 2.41 10.70 14.25
N TRP B 165 2.35 9.82 13.26
CA TRP B 165 1.58 8.57 13.42
C TRP B 165 1.89 7.81 14.72
N ALA B 166 3.15 7.52 14.97
CA ALA B 166 3.53 6.72 16.13
C ALA B 166 2.85 7.25 17.38
N GLU B 167 3.00 8.54 17.64
CA GLU B 167 2.46 9.13 18.87
C GLU B 167 0.94 9.05 18.90
N PHE B 168 0.32 9.29 17.75
CA PHE B 168 -1.11 9.15 17.62
C PHE B 168 -1.59 7.72 17.94
N GLU B 169 -0.94 6.72 17.33
CA GLU B 169 -1.30 5.33 17.57
C GLU B 169 -1.22 5.05 19.04
N SER B 170 -0.12 5.43 19.66
CA SER B 170 0.06 5.20 21.08
C SER B 170 -1.06 5.81 21.92
N LEU B 171 -1.54 6.98 21.52
CA LEU B 171 -2.58 7.67 22.26
C LEU B 171 -3.94 7.02 22.02
N LEU B 172 -4.22 6.68 20.76
CA LEU B 172 -5.50 6.05 20.42
C LEU B 172 -5.59 4.72 21.11
N GLY B 173 -4.44 4.05 21.14
CA GLY B 173 -4.28 2.75 21.77
C GLY B 173 -4.73 2.68 23.22
N THR B 174 -4.56 3.76 23.98
CA THR B 174 -4.90 3.70 25.40
C THR B 174 -6.39 3.88 25.66
N HIS B 176 -8.87 2.75 22.64
CA HIS B 176 -9.19 1.59 21.82
C HIS B 176 -7.89 0.93 21.42
N PRO B 177 -7.64 -0.29 21.92
CA PRO B 177 -6.33 -0.89 21.66
C PRO B 177 -6.20 -1.24 20.19
N VAL B 178 -5.01 -1.01 19.64
CA VAL B 178 -4.74 -1.22 18.21
C VAL B 178 -3.82 -2.42 18.10
N GLU B 179 -4.29 -3.49 17.47
CA GLU B 179 -3.47 -4.70 17.35
C GLU B 179 -2.28 -4.42 16.44
N PRO B 180 -1.04 -4.71 16.91
CA PRO B 180 0.09 -4.41 16.05
C PRO B 180 0.13 -5.31 14.82
N GLY B 181 0.97 -4.92 13.86
CA GLY B 181 1.15 -5.70 12.66
C GLY B 181 0.22 -5.21 11.59
N THR B 183 -2.95 -5.21 11.27
CA THR B 183 -4.14 -4.43 11.65
C THR B 183 -3.78 -2.97 11.87
N ALA B 184 -2.68 -2.75 12.58
CA ALA B 184 -2.21 -1.39 12.83
C ALA B 184 -1.84 -0.66 11.54
N LEU B 185 -1.26 -1.38 10.61
CA LEU B 185 -0.94 -0.82 9.32
C LEU B 185 -2.23 -0.45 8.57
N ALA B 186 -3.17 -1.39 8.42
CA ALA B 186 -4.49 -1.08 7.79
C ALA B 186 -5.16 0.19 8.34
N LEU B 187 -5.10 0.37 9.67
CA LEU B 187 -5.73 1.52 10.31
C LEU B 187 -5.02 2.79 9.92
N ARG B 188 -3.71 2.75 9.98
CA ARG B 188 -2.90 3.88 9.56
C ARG B 188 -3.26 4.30 8.14
N THR B 189 -3.30 3.33 7.25
CA THR B 189 -3.69 3.57 5.86
C THR B 189 -5.06 4.23 5.70
N THR B 190 -6.03 3.80 6.51
CA THR B 190 -7.37 4.41 6.55
C THR B 190 -7.40 5.82 7.14
N ILE B 191 -6.67 6.05 8.24
CA ILE B 191 -6.75 7.37 8.94
C ILE B 191 -5.90 8.48 8.30
N ASP B 192 -4.68 8.16 7.90
CA ASP B 192 -3.76 9.10 7.28
C ASP B 192 -4.15 9.38 5.83
N LEU B 193 -5.18 10.19 5.67
CA LEU B 193 -5.74 10.48 4.34
C LEU B 193 -4.74 11.10 3.36
N THR B 194 -3.84 11.93 3.89
CA THR B 194 -2.88 12.64 3.06
C THR B 194 -1.62 11.84 2.76
N SER B 196 0.96 11.31 4.67
CA SER B 196 1.95 12.27 5.12
C SER B 196 2.76 11.75 6.30
N GLY B 197 2.24 10.75 6.99
CA GLY B 197 2.94 10.15 8.12
C GLY B 197 2.52 10.79 9.41
N HIS B 198 1.61 11.76 9.30
CA HIS B 198 1.07 12.44 10.44
C HIS B 198 -0.45 12.48 10.30
N VAL B 199 -1.09 12.53 11.47
CA VAL B 199 -2.54 12.54 11.60
C VAL B 199 -2.96 13.90 12.10
N SER B 200 -3.86 14.57 11.37
CA SER B 200 -4.42 15.86 11.79
C SER B 200 -5.79 15.77 12.49
N ILE B 201 -6.10 16.80 13.26
CA ILE B 201 -7.37 16.90 13.97
C ILE B 201 -8.50 16.78 12.97
N PHE B 202 -8.22 17.19 11.72
CA PHE B 202 -9.14 17.00 10.60
C PHE B 202 -9.27 15.55 10.19
N GLU B 203 -8.13 14.92 9.89
CA GLU B 203 -8.15 13.50 9.51
C GLU B 203 -8.94 12.70 10.57
N PHE B 204 -8.78 13.08 11.83
CA PHE B 204 -9.39 12.35 12.92
C PHE B 204 -10.91 12.61 13.02
N ASP B 205 -11.31 13.83 12.71
CA ASP B 205 -12.72 14.17 12.57
C ASP B 205 -13.35 13.30 11.49
N VAL B 206 -12.67 13.10 10.37
CA VAL B 206 -13.25 12.34 9.28
C VAL B 206 -13.49 10.90 9.72
N PHE B 207 -12.43 10.27 10.22
CA PHE B 207 -12.48 8.88 10.66
C PHE B 207 -13.53 8.66 11.76
N THR B 208 -13.50 9.47 12.83
CA THR B 208 -14.41 9.27 13.95
C THR B 208 -15.88 9.52 13.56
N ARG B 209 -16.11 10.33 12.53
CA ARG B 209 -17.47 10.45 11.98
C ARG B 209 -17.83 9.20 11.18
N LEU B 210 -16.91 8.76 10.32
CA LEU B 210 -17.17 7.62 9.45
C LEU B 210 -17.45 6.36 10.26
N PHE B 211 -16.70 6.17 11.34
CA PHE B 211 -16.82 4.98 12.18
C PHE B 211 -17.45 5.18 13.55
N GLN B 212 -18.25 6.22 13.68
CA GLN B 212 -19.11 6.37 14.86
C GLN B 212 -20.02 5.15 15.05
N PRO B 213 -20.47 4.90 16.28
CA PRO B 213 -20.20 5.63 17.49
C PRO B 213 -18.89 5.26 18.17
N TRP B 214 -18.45 6.17 19.05
CA TRP B 214 -17.13 6.13 19.66
C TRP B 214 -16.78 4.87 20.44
N PRO B 215 -17.66 4.39 21.33
CA PRO B 215 -17.40 3.14 22.07
C PRO B 215 -17.12 1.90 21.19
N THR B 216 -17.60 1.90 19.95
CA THR B 216 -17.31 0.80 19.03
C THR B 216 -16.41 1.22 17.87
N LEU B 217 -15.70 2.35 18.02
CA LEU B 217 -14.96 2.95 16.92
C LEU B 217 -14.20 1.92 16.08
N LEU B 218 -13.29 1.21 16.71
CA LEU B 218 -12.46 0.24 16.03
C LEU B 218 -13.22 -1.01 15.59
N LYS B 219 -14.11 -1.49 16.46
CA LYS B 219 -15.01 -2.59 16.12
C LYS B 219 -15.69 -2.32 14.77
N ASN B 220 -16.19 -1.09 14.58
CA ASN B 220 -16.93 -0.72 13.37
C ASN B 220 -16.01 -0.72 12.17
N TRP B 221 -14.85 -0.13 12.35
CA TRP B 221 -13.84 -0.10 11.33
C TRP B 221 -13.44 -1.53 10.92
N GLN B 222 -13.34 -2.41 11.90
CA GLN B 222 -12.90 -3.76 11.66
C GLN B 222 -13.99 -4.52 10.91
N LEU B 223 -15.21 -4.45 11.43
CA LEU B 223 -16.27 -5.26 10.89
C LEU B 223 -16.82 -4.70 9.57
N LEU B 224 -16.89 -3.37 9.44
CA LEU B 224 -17.52 -2.77 8.26
C LEU B 224 -16.53 -2.34 7.16
N ALA B 225 -15.25 -2.24 7.48
CA ALA B 225 -14.24 -1.87 6.49
C ALA B 225 -13.24 -2.97 6.23
N VAL B 226 -12.44 -3.33 7.23
CA VAL B 226 -11.41 -4.32 7.02
C VAL B 226 -12.02 -5.65 6.55
N ASN B 227 -13.10 -6.09 7.21
CA ASN B 227 -13.65 -7.44 6.94
C ASN B 227 -14.92 -7.46 6.11
N HIS B 228 -15.31 -6.35 5.53
CA HIS B 228 -16.55 -6.33 4.78
C HIS B 228 -16.21 -6.30 3.31
N PRO B 229 -16.79 -7.21 2.53
CA PRO B 229 -16.44 -7.31 1.13
C PRO B 229 -17.02 -6.18 0.25
N GLY B 230 -18.03 -5.48 0.79
CA GLY B 230 -18.61 -4.29 0.16
C GLY B 230 -17.85 -2.97 0.36
N TYR B 231 -16.86 -2.96 1.24
CA TYR B 231 -16.07 -1.78 1.51
C TYR B 231 -14.97 -1.65 0.48
N MET B 232 -14.89 -0.46 -0.13
CA MET B 232 -13.93 -0.20 -1.19
C MET B 232 -13.04 0.96 -0.79
N ALA B 233 -11.82 0.69 -0.37
CA ALA B 233 -11.03 1.76 0.27
C ALA B 233 -10.64 2.84 -0.75
N PHE B 234 -11.02 4.08 -0.51
CA PHE B 234 -10.44 5.20 -1.24
C PHE B 234 -10.83 5.17 -2.73
N LEU B 235 -12.07 4.86 -3.05
CA LEU B 235 -12.51 4.91 -4.44
C LEU B 235 -13.20 6.22 -4.75
N THR B 236 -13.05 6.66 -6.00
CA THR B 236 -13.79 7.78 -6.52
C THR B 236 -15.19 7.32 -6.97
N TYR B 237 -16.08 8.29 -7.12
CA TYR B 237 -17.39 8.11 -7.70
C TYR B 237 -17.37 7.37 -9.03
N ASP B 238 -16.60 7.89 -9.98
CA ASP B 238 -16.57 7.29 -11.32
C ASP B 238 -16.10 5.84 -11.28
N GLU B 239 -15.16 5.57 -10.38
CA GLU B 239 -14.66 4.22 -10.22
C GLU B 239 -15.78 3.31 -9.73
N VAL B 240 -16.58 3.79 -8.79
CA VAL B 240 -17.70 2.98 -8.34
C VAL B 240 -18.59 2.65 -9.54
N GLN B 241 -18.90 3.65 -10.37
CA GLN B 241 -19.79 3.49 -11.54
C GLN B 241 -19.24 2.41 -12.44
N GLU B 242 -17.93 2.40 -12.56
CA GLU B 242 -17.27 1.49 -13.46
C GLU B 242 -17.31 0.08 -12.87
N ARG B 243 -16.96 -0.02 -11.60
CA ARG B 243 -16.97 -1.31 -10.91
C ARG B 243 -18.32 -2.01 -11.02
N LEU B 244 -19.40 -1.31 -10.70
CA LEU B 244 -20.72 -1.91 -10.64
C LEU B 244 -21.32 -2.21 -12.03
N GLN B 245 -20.59 -1.87 -13.08
CA GLN B 245 -21.06 -2.14 -14.43
C GLN B 245 -21.33 -3.61 -14.59
N ALA B 246 -20.43 -4.44 -14.05
CA ALA B 246 -20.57 -5.89 -14.14
C ALA B 246 -21.79 -6.38 -13.35
N CYS B 247 -22.00 -5.81 -12.16
CA CYS B 247 -23.10 -6.24 -11.29
C CYS B 247 -24.47 -5.71 -11.74
N ARG B 248 -24.58 -5.10 -12.91
CA ARG B 248 -25.86 -4.59 -13.37
C ARG B 248 -26.92 -5.69 -13.56
N ASP B 249 -26.46 -6.93 -13.76
CA ASP B 249 -27.32 -8.12 -13.72
C ASP B 249 -28.04 -8.27 -12.39
N LYS B 250 -27.28 -8.19 -11.30
CA LYS B 250 -27.78 -8.48 -9.96
C LYS B 250 -28.28 -7.21 -9.32
N PRO B 251 -29.59 -6.92 -9.45
CA PRO B 251 -30.11 -5.75 -8.73
C PRO B 251 -30.06 -6.01 -7.23
N GLY B 252 -29.58 -5.02 -6.47
CA GLY B 252 -29.32 -5.20 -5.04
C GLY B 252 -27.84 -5.26 -4.70
N SER B 253 -26.99 -5.46 -5.72
CA SER B 253 -25.54 -5.44 -5.53
C SER B 253 -25.16 -4.04 -5.08
N TYR B 254 -24.16 -3.94 -4.21
CA TYR B 254 -23.79 -2.63 -3.65
C TYR B 254 -22.35 -2.64 -3.16
N ILE B 255 -21.77 -1.45 -3.06
CA ILE B 255 -20.46 -1.22 -2.45
C ILE B 255 -20.48 0.16 -1.78
N PHE B 256 -19.65 0.37 -0.78
CA PHE B 256 -19.62 1.66 -0.13
C PHE B 256 -18.18 2.14 0.08
N ARG B 257 -18.04 3.46 0.23
CA ARG B 257 -16.74 4.10 0.35
C ARG B 257 -16.95 5.45 0.99
N PRO B 258 -15.88 6.08 1.46
CA PRO B 258 -16.08 7.46 1.92
C PRO B 258 -16.36 8.41 0.76
N SER B 259 -17.37 9.25 0.91
CA SER B 259 -17.60 10.32 -0.04
C SER B 259 -16.32 11.12 -0.17
N CYS B 260 -16.03 11.59 -1.37
CA CYS B 260 -14.85 12.40 -1.58
CA CYS B 260 -14.86 12.41 -1.61
C CYS B 260 -15.14 13.89 -1.40
N THR B 261 -16.41 14.28 -1.59
CA THR B 261 -16.78 15.67 -1.48
C THR B 261 -17.55 16.00 -0.23
N ARG B 262 -17.92 14.99 0.55
CA ARG B 262 -18.56 15.25 1.84
C ARG B 262 -17.87 14.43 2.89
N LEU B 263 -16.77 14.96 3.40
CA LEU B 263 -15.84 14.17 4.19
C LEU B 263 -16.39 13.93 5.55
N GLY B 264 -16.33 12.67 5.98
CA GLY B 264 -16.99 12.22 7.18
C GLY B 264 -18.21 11.38 6.82
N GLN B 265 -18.59 11.40 5.55
CA GLN B 265 -19.79 10.73 5.15
C GLN B 265 -19.52 9.63 4.14
N TRP B 266 -20.47 8.69 4.08
CA TRP B 266 -20.36 7.51 3.24
C TRP B 266 -21.15 7.69 1.94
N ALA B 267 -20.68 7.06 0.88
CA ALA B 267 -21.40 7.02 -0.38
C ALA B 267 -21.69 5.57 -0.69
N ILE B 268 -22.94 5.17 -0.55
CA ILE B 268 -23.32 3.82 -0.90
C ILE B 268 -23.61 3.83 -2.39
N GLY B 269 -23.07 2.84 -3.11
CA GLY B 269 -23.40 2.62 -4.53
C GLY B 269 -24.15 1.32 -4.73
N TYR B 270 -25.36 1.38 -5.30
CA TYR B 270 -26.19 0.18 -5.50
C TYR B 270 -26.77 0.06 -6.88
N VAL B 271 -27.08 -1.15 -7.31
CA VAL B 271 -27.76 -1.37 -8.59
C VAL B 271 -29.26 -1.46 -8.31
N SER B 272 -30.07 -0.60 -8.93
CA SER B 272 -31.50 -0.60 -8.67
C SER B 272 -32.23 -1.78 -9.34
N SER B 273 -33.55 -1.87 -9.10
CA SER B 273 -34.45 -2.79 -9.83
C SER B 273 -34.27 -2.70 -11.33
N ASP B 274 -34.29 -1.46 -11.82
CA ASP B 274 -34.15 -1.12 -13.24
CA ASP B 274 -34.16 -1.14 -13.24
C ASP B 274 -32.80 -1.59 -13.82
N GLY B 275 -31.81 -1.74 -12.95
CA GLY B 275 -30.46 -2.06 -13.39
C GLY B 275 -29.61 -0.80 -13.45
N SER B 276 -30.20 0.34 -13.13
CA SER B 276 -29.46 1.60 -13.12
C SER B 276 -28.59 1.68 -11.87
N ILE B 277 -27.36 2.15 -12.03
CA ILE B 277 -26.44 2.31 -10.91
C ILE B 277 -26.66 3.67 -10.25
N LEU B 278 -27.06 3.64 -8.99
CA LEU B 278 -27.31 4.85 -8.23
C LEU B 278 -26.30 4.94 -7.07
N GLN B 279 -25.87 6.15 -6.71
CA GLN B 279 -25.08 6.38 -5.50
C GLN B 279 -25.79 7.36 -4.60
N THR B 280 -25.79 7.10 -3.29
CA THR B 280 -26.48 7.95 -2.31
C THR B 280 -25.64 8.17 -1.06
N ILE B 281 -25.68 9.39 -0.54
CA ILE B 281 -24.99 9.69 0.69
C ILE B 281 -26.02 9.74 1.81
N PRO B 282 -25.88 8.90 2.84
CA PRO B 282 -26.79 8.98 3.98
C PRO B 282 -26.29 9.97 5.03
N ALA B 283 -27.25 10.61 5.68
CA ALA B 283 -26.94 11.47 6.81
C ALA B 283 -27.92 11.06 7.89
N ASN B 284 -27.49 11.01 9.15
CA ASN B 284 -26.11 11.05 9.60
C ASN B 284 -26.06 9.95 10.65
N LYS B 285 -26.27 8.74 10.15
CA LYS B 285 -26.53 7.59 10.98
C LYS B 285 -25.21 6.83 11.03
N PRO B 286 -25.03 5.92 12.00
CA PRO B 286 -23.88 5.05 11.84
C PRO B 286 -24.04 4.18 10.58
N LEU B 287 -22.91 3.69 10.07
CA LEU B 287 -22.94 2.89 8.87
C LEU B 287 -23.71 1.58 9.11
N SER B 288 -23.63 1.06 10.32
CA SER B 288 -24.35 -0.15 10.68
C SER B 288 -25.86 0.02 10.51
N GLN B 289 -26.39 1.15 10.95
CA GLN B 289 -27.79 1.45 10.74
C GLN B 289 -28.12 1.56 9.25
N VAL B 290 -27.22 2.17 8.49
CA VAL B 290 -27.46 2.39 7.05
C VAL B 290 -27.60 1.08 6.26
N LEU B 291 -26.71 0.12 6.52
CA LEU B 291 -26.70 -1.13 5.77
C LEU B 291 -27.83 -2.07 6.18
N LEU B 292 -28.12 -2.12 7.47
CA LEU B 292 -29.23 -2.92 7.96
C LEU B 292 -30.58 -2.49 7.35
N GLU B 293 -30.84 -1.19 7.35
CA GLU B 293 -32.09 -0.68 6.79
C GLU B 293 -32.16 -0.90 5.28
N GLY B 294 -31.04 -0.69 4.61
CA GLY B 294 -30.95 -0.93 3.18
C GLY B 294 -31.08 -2.40 2.84
N GLN B 295 -30.55 -3.26 3.71
CA GLN B 295 -30.79 -4.69 3.56
C GLN B 295 -32.29 -4.93 3.69
N LYS B 296 -32.83 -4.58 4.85
CA LYS B 296 -34.24 -4.86 5.19
C LYS B 296 -35.26 -4.32 4.16
N ASP B 297 -34.83 -3.37 3.32
CA ASP B 297 -35.72 -2.80 2.31
C ASP B 297 -35.40 -3.31 0.89
N GLY B 298 -34.40 -4.19 0.78
CA GLY B 298 -34.06 -4.84 -0.50
C GLY B 298 -33.08 -4.10 -1.41
N PHE B 299 -32.58 -2.96 -0.94
CA PHE B 299 -31.67 -2.14 -1.71
C PHE B 299 -30.21 -2.61 -1.60
N TYR B 300 -29.77 -2.99 -0.39
CA TYR B 300 -28.36 -3.38 -0.16
C TYR B 300 -28.20 -4.85 0.23
N LEU B 301 -28.07 -5.72 -0.77
CA LEU B 301 -28.12 -7.18 -0.59
C LEU B 301 -26.84 -7.96 -0.94
N TYR B 302 -26.11 -7.52 -1.96
CA TYR B 302 -24.98 -8.30 -2.47
C TYR B 302 -23.70 -7.46 -2.59
N PRO B 303 -22.84 -7.50 -1.55
CA PRO B 303 -21.59 -6.77 -1.56
C PRO B 303 -20.68 -7.16 -2.72
N ASP B 304 -20.24 -6.16 -3.45
CA ASP B 304 -19.36 -6.35 -4.61
C ASP B 304 -19.98 -7.25 -5.67
N GLY B 305 -21.30 -7.42 -5.62
CA GLY B 305 -22.02 -8.37 -6.47
C GLY B 305 -21.94 -9.84 -6.04
N LYS B 306 -21.51 -10.07 -4.81
CA LYS B 306 -21.35 -11.41 -4.25
C LYS B 306 -22.42 -11.70 -3.19
N THR B 307 -22.60 -12.98 -2.87
CA THR B 307 -23.80 -13.43 -2.14
C THR B 307 -23.68 -13.31 -0.61
N HIS B 308 -22.46 -13.43 -0.09
CA HIS B 308 -22.21 -13.36 1.35
C HIS B 308 -22.34 -11.93 1.88
N ASN B 309 -23.48 -11.61 2.51
CA ASN B 309 -23.70 -10.33 3.18
C ASN B 309 -23.61 -10.49 4.71
N PRO B 310 -22.49 -10.08 5.33
CA PRO B 310 -22.33 -10.22 6.77
C PRO B 310 -23.54 -9.79 7.59
N ASP B 311 -23.93 -10.62 8.55
CA ASP B 311 -24.99 -10.26 9.47
C ASP B 311 -24.47 -9.21 10.44
N LEU B 312 -25.12 -8.06 10.44
CA LEU B 312 -24.71 -6.94 11.27
C LEU B 312 -25.74 -6.65 12.36
N THR B 313 -26.62 -7.62 12.61
CA THR B 313 -27.70 -7.43 13.56
C THR B 313 -27.19 -7.00 14.92
N GLU B 314 -26.20 -7.72 15.44
CA GLU B 314 -25.68 -7.37 16.76
C GLU B 314 -24.97 -6.03 16.78
N LEU B 315 -24.13 -5.79 15.77
CA LEU B 315 -23.39 -4.54 15.70
C LEU B 315 -24.36 -3.35 15.64
N GLY B 316 -25.36 -3.45 14.78
CA GLY B 316 -26.39 -2.41 14.68
C GLY B 316 -27.10 -2.15 15.99
N ALA B 317 -27.43 -3.22 16.70
CA ALA B 317 -28.07 -3.10 18.00
C ALA B 317 -27.11 -2.51 18.97
N GLU B 318 -25.88 -3.02 18.99
CA GLU B 318 -24.84 -2.45 19.83
C GLU B 318 -24.66 -0.95 19.58
N ASN B 319 -24.67 -0.53 18.31
CA ASN B 319 -24.46 0.87 17.96
C ASN B 319 -25.60 1.82 18.38
N LEU B 320 -26.84 1.34 18.33
CA LEU B 320 -27.97 2.11 18.82
C LEU B 320 -27.90 2.26 20.33
N TYR B 321 -27.48 1.20 20.99
CA TYR B 321 -27.32 1.22 22.43
C TYR B 321 -26.30 2.28 22.87
N PHE B 322 -25.29 2.55 22.05
CA PHE B 322 -24.21 3.47 22.44
C PHE B 322 -24.28 4.89 21.88
N GLN B 323 -24.67 5.04 20.62
CA GLN B 323 -25.07 6.34 20.07
C GLN B 323 -24.42 7.51 20.84
N LEU C 1 12.31 -19.39 -25.36
CA LEU C 1 13.60 -18.70 -25.10
C LEU C 1 14.06 -18.91 -23.65
N GLN C 2 15.35 -18.75 -23.42
CA GLN C 2 15.88 -18.68 -22.05
C GLN C 2 15.28 -17.44 -21.40
N ARG C 3 15.26 -17.43 -20.08
CA ARG C 3 14.56 -16.40 -19.33
C ARG C 3 15.52 -15.28 -18.94
N SER C 5 19.12 -13.79 -19.45
CA SER C 5 20.29 -13.76 -20.34
C SER C 5 21.56 -13.44 -19.56
N SER C 6 22.69 -13.56 -20.25
CA SER C 6 24.02 -13.35 -19.66
C SER C 6 24.19 -11.89 -19.24
N ASP C 7 24.99 -11.71 -18.19
CA ASP C 7 25.38 -10.38 -17.76
C ASP C 7 26.15 -9.75 -18.93
N PRO C 8 25.71 -8.55 -19.38
CA PRO C 8 26.39 -7.94 -20.52
C PRO C 8 27.65 -7.16 -20.16
N THR C 9 27.88 -6.96 -18.86
CA THR C 9 29.16 -6.42 -18.36
C THR C 9 30.12 -7.59 -18.20
N GLY C 10 30.63 -8.08 -19.32
CA GLY C 10 31.41 -9.33 -19.35
C GLY C 10 30.52 -10.53 -19.10
N LEU D 1 -27.40 14.44 -15.21
CA LEU D 1 -28.16 13.88 -14.07
C LEU D 1 -27.59 14.39 -12.74
N GLN D 2 -28.41 14.35 -11.70
CA GLN D 2 -27.92 14.57 -10.33
C GLN D 2 -26.92 13.47 -10.02
N ARG D 3 -26.05 13.74 -9.06
CA ARG D 3 -24.93 12.86 -8.78
C ARG D 3 -25.28 11.86 -7.69
N SER D 5 -28.27 10.47 -5.47
CA SER D 5 -29.72 10.31 -5.35
C SER D 5 -30.16 10.21 -3.89
N SER D 6 -31.48 10.25 -3.68
CA SER D 6 -32.08 10.21 -2.34
C SER D 6 -31.82 8.88 -1.65
N ASP D 7 -31.74 8.95 -0.32
CA ASP D 7 -31.64 7.76 0.50
C ASP D 7 -32.89 6.93 0.25
N PRO D 8 -32.73 5.65 -0.15
CA PRO D 8 -33.92 4.84 -0.45
C PRO D 8 -34.56 4.21 0.78
N THR D 9 -33.89 4.29 1.93
CA THR D 9 -34.48 3.93 3.22
C THR D 9 -35.22 5.14 3.77
N GLY D 10 -36.39 5.40 3.17
CA GLY D 10 -37.13 6.64 3.43
C GLY D 10 -36.39 7.85 2.82
#